data_9FMA
#
_entry.id   9FMA
#
_cell.length_a   93.222
_cell.length_b   93.222
_cell.length_c   182.506
_cell.angle_alpha   90.000
_cell.angle_beta   90.000
_cell.angle_gamma   90.000
#
_symmetry.space_group_name_H-M   'P 41 21 2'
#
loop_
_entity.id
_entity.type
_entity.pdbx_description
1 polymer 'Endopeptidase PepO'
2 non-polymer 1,2-ETHANEDIOL
3 non-polymer 'ZINC ION'
4 water water
#
_entity_poly.entity_id   1
_entity_poly.type   'polypeptide(L)'
_entity_poly.pdbx_seq_one_letter_code
;CNGNKGQTNDTDRKREPVPAIDLSAMDTSVRPQDDFYRYCNGNWMKNNPLKPAYSRYGSFDILHDSTLERVHLIVDNLAA
GQHEVGTNEYRIATLYRQAMDSIKRNKDGAAPLKEDLQKIEAIADRAAMVKYAAAKDNMGGSTFFGSYVYADAKNSEMNI
FHITQTGLALDNRDYYLKQDAKSQQIREAYVAYLNKIAKLAGYDDEAATRIAKNAMKMETELAQICYSKEELRDTHRNYN
KMAVKEFTNKYQGFDWTTYLADRQLTTLEEWDVEQLDFFKKFDSWFAKADLNEMRDYLLAGTISGAASYLSDDFEQARFD
FFGKTLSGTTEMHPRWKRSVGMVSSFLGEALGEVYVKQYFPPEAKERMLKLVKNLQTALGERINMLTWMGDSTKMKAQEK
LNSFIIKIGYPDKWKDYSKMEIKGDSYYADIKRASKWMHDDNMADLGKTVDRERWLMNPQDVNAYYNPTTNEICFPAAIL
QPPFFNMDADDAVNYGGIGVVIGHEMTHGFDDQGRNFDKDGNMINWWTAEDAQKFETTARKLADQFSEIYVADGVRANGN
MTLGENIADQGGLLISYLAFRNAAKGEVMEEIDGFTPDQRFFIGYARLWGQNIRPEEVLRLTQIDVHSLGELRVNQALRN
IEAFYEAFNIQPTDKMYLEPEKRVVVW
;
_entity_poly.pdbx_strand_id   A
#
# COMPACT_ATOMS: atom_id res chain seq x y z
N GLU A 16 15.59 0.73 -29.17
CA GLU A 16 16.51 -0.39 -29.05
C GLU A 16 15.93 -1.46 -28.13
N PRO A 17 15.88 -2.71 -28.62
CA PRO A 17 15.19 -3.77 -27.86
C PRO A 17 15.89 -4.11 -26.56
N VAL A 18 15.10 -4.39 -25.55
CA VAL A 18 15.58 -4.79 -24.23
C VAL A 18 15.58 -6.31 -24.16
N PRO A 19 16.63 -6.95 -23.65
CA PRO A 19 16.65 -8.42 -23.58
C PRO A 19 15.49 -8.97 -22.75
N ALA A 20 14.91 -10.07 -23.25
CA ALA A 20 13.77 -10.69 -22.56
C ALA A 20 14.14 -11.13 -21.15
N ILE A 21 15.30 -11.76 -20.99
CA ILE A 21 15.82 -12.16 -19.68
C ILE A 21 17.23 -11.62 -19.56
N ASP A 22 17.52 -10.93 -18.46
CA ASP A 22 18.88 -10.47 -18.18
C ASP A 22 19.66 -11.66 -17.66
N LEU A 23 20.33 -12.38 -18.57
CA LEU A 23 21.04 -13.59 -18.17
C LEU A 23 22.18 -13.29 -17.23
N SER A 24 22.74 -12.08 -17.27
CA SER A 24 23.86 -11.74 -16.40
C SER A 24 23.43 -11.66 -14.94
N ALA A 25 22.13 -11.57 -14.65
CA ALA A 25 21.67 -11.58 -13.27
C ALA A 25 21.64 -12.98 -12.68
N MET A 26 21.64 -14.00 -13.52
CA MET A 26 21.50 -15.38 -13.05
C MET A 26 22.83 -15.90 -12.51
N ASP A 27 22.74 -16.78 -11.52
CA ASP A 27 23.91 -17.49 -10.96
C ASP A 27 23.77 -18.97 -11.32
N THR A 28 24.45 -19.39 -12.38
CA THR A 28 24.28 -20.77 -12.86
C THR A 28 25.00 -21.79 -11.98
N SER A 29 25.78 -21.36 -11.00
CA SER A 29 26.36 -22.29 -10.03
C SER A 29 25.35 -22.77 -9.00
N VAL A 30 24.14 -22.22 -9.00
CA VAL A 30 23.05 -22.61 -8.11
C VAL A 30 22.03 -23.41 -8.92
N ARG A 31 21.63 -24.56 -8.40
CA ARG A 31 20.67 -25.37 -9.13
C ARG A 31 19.26 -24.78 -8.99
N PRO A 32 18.50 -24.65 -10.08
CA PRO A 32 17.12 -24.15 -9.95
C PRO A 32 16.25 -25.03 -9.07
N GLN A 33 16.59 -26.32 -8.96
CA GLN A 33 15.86 -27.25 -8.10
C GLN A 33 16.15 -27.04 -6.61
N ASP A 34 17.20 -26.28 -6.28
CA ASP A 34 17.61 -26.07 -4.90
C ASP A 34 17.25 -24.67 -4.39
N ASP A 35 17.56 -23.64 -5.18
CA ASP A 35 17.29 -22.26 -4.76
C ASP A 35 16.95 -21.48 -6.03
N PHE A 36 15.68 -21.54 -6.43
CA PHE A 36 15.30 -20.94 -7.71
C PHE A 36 15.51 -19.43 -7.69
N TYR A 37 15.30 -18.81 -6.52
CA TYR A 37 15.49 -17.37 -6.37
C TYR A 37 16.91 -16.94 -6.71
N ARG A 38 17.92 -17.65 -6.17
CA ARG A 38 19.29 -17.25 -6.44
C ARG A 38 19.80 -17.80 -7.76
N TYR A 39 19.25 -18.90 -8.27
CA TYR A 39 19.54 -19.27 -9.66
C TYR A 39 19.16 -18.13 -10.61
N CYS A 40 17.99 -17.53 -10.41
CA CYS A 40 17.51 -16.51 -11.32
C CYS A 40 18.05 -15.10 -11.02
N ASN A 41 18.56 -14.86 -9.80
CA ASN A 41 18.90 -13.51 -9.37
C ASN A 41 20.26 -13.38 -8.67
N GLY A 42 20.99 -14.47 -8.47
CA GLY A 42 22.09 -14.47 -7.51
C GLY A 42 23.28 -13.61 -7.92
N ASN A 43 23.59 -13.58 -9.21
CA ASN A 43 24.72 -12.77 -9.66
C ASN A 43 24.39 -11.28 -9.56
N TRP A 44 23.17 -10.89 -9.92
CA TRP A 44 22.79 -9.48 -9.71
C TRP A 44 22.90 -9.11 -8.24
N MET A 45 22.46 -10.01 -7.36
CA MET A 45 22.54 -9.75 -5.92
C MET A 45 23.99 -9.63 -5.45
N LYS A 46 24.88 -10.49 -5.97
CA LYS A 46 26.29 -10.41 -5.60
C LYS A 46 26.91 -9.10 -6.05
N ASN A 47 26.54 -8.62 -7.24
CA ASN A 47 27.22 -7.48 -7.84
C ASN A 47 26.59 -6.14 -7.46
N ASN A 48 25.53 -6.14 -6.66
CA ASN A 48 24.82 -4.91 -6.30
C ASN A 48 24.56 -4.82 -4.80
N PRO A 49 25.62 -4.77 -3.99
CA PRO A 49 25.42 -4.50 -2.56
C PRO A 49 24.75 -3.13 -2.38
N LEU A 50 23.87 -3.07 -1.39
CA LEU A 50 23.06 -1.88 -1.18
C LEU A 50 23.91 -0.63 -0.96
N LYS A 51 23.51 0.46 -1.59
CA LYS A 51 24.15 1.75 -1.36
C LYS A 51 23.60 2.40 -0.10
N PRO A 52 24.33 3.38 0.46
CA PRO A 52 23.94 3.96 1.76
C PRO A 52 22.50 4.42 1.88
N ALA A 53 21.90 4.95 0.82
CA ALA A 53 20.56 5.52 0.96
C ALA A 53 19.43 4.52 0.71
N TYR A 54 19.75 3.26 0.43
CA TYR A 54 18.73 2.27 0.06
C TYR A 54 18.58 1.23 1.17
N SER A 55 17.34 1.03 1.61
CA SER A 55 16.99 -0.07 2.50
C SER A 55 16.80 -1.39 1.75
N ARG A 56 16.54 -1.30 0.45
CA ARG A 56 16.37 -2.48 -0.41
C ARG A 56 16.47 -2.01 -1.85
N TYR A 57 16.84 -2.93 -2.73
CA TYR A 57 17.02 -2.59 -4.14
C TYR A 57 17.04 -3.86 -4.96
N GLY A 58 16.56 -3.76 -6.19
CA GLY A 58 16.37 -4.94 -7.02
C GLY A 58 15.51 -4.58 -8.22
N SER A 59 15.03 -5.61 -8.91
CA SER A 59 14.32 -5.43 -10.19
C SER A 59 13.22 -4.39 -10.08
N PHE A 60 12.33 -4.53 -9.08
CA PHE A 60 11.21 -3.61 -8.97
C PHE A 60 11.68 -2.19 -8.71
N ASP A 61 12.63 -2.02 -7.78
CA ASP A 61 13.08 -0.68 -7.42
C ASP A 61 13.86 -0.02 -8.54
N ILE A 62 14.49 -0.83 -9.41
CA ILE A 62 15.12 -0.27 -10.61
C ILE A 62 14.08 0.41 -11.48
N LEU A 63 12.92 -0.23 -11.66
CA LEU A 63 11.86 0.36 -12.49
C LEU A 63 11.18 1.50 -11.75
N HIS A 64 11.02 1.37 -10.43
CA HIS A 64 10.52 2.50 -9.65
C HIS A 64 11.40 3.72 -9.85
N ASP A 65 12.73 3.53 -9.76
CA ASP A 65 13.67 4.65 -9.90
C ASP A 65 13.68 5.22 -11.31
N SER A 66 13.66 4.37 -12.34
CA SER A 66 13.71 4.91 -13.70
C SER A 66 12.45 5.67 -14.03
N THR A 67 11.31 5.21 -13.52
CA THR A 67 10.06 5.93 -13.74
C THR A 67 10.04 7.24 -12.95
N LEU A 68 10.56 7.23 -11.71
CA LEU A 68 10.61 8.48 -10.95
C LEU A 68 11.48 9.52 -11.64
N GLU A 69 12.56 9.09 -12.31
CA GLU A 69 13.39 10.04 -13.05
C GLU A 69 12.66 10.61 -14.25
N ARG A 70 11.81 9.81 -14.90
CA ARG A 70 10.93 10.37 -15.93
C ARG A 70 10.03 11.46 -15.35
N VAL A 71 9.45 11.22 -14.18
CA VAL A 71 8.57 12.22 -13.59
C VAL A 71 9.37 13.45 -13.17
N HIS A 72 10.61 13.24 -12.69
CA HIS A 72 11.52 14.36 -12.40
C HIS A 72 11.71 15.25 -13.63
N LEU A 73 11.96 14.64 -14.80
CA LEU A 73 12.11 15.45 -16.01
C LEU A 73 10.82 16.20 -16.36
N ILE A 74 9.67 15.57 -16.11
CA ILE A 74 8.39 16.24 -16.35
C ILE A 74 8.25 17.45 -15.43
N VAL A 75 8.62 17.29 -14.17
CA VAL A 75 8.56 18.42 -13.24
C VAL A 75 9.49 19.54 -13.68
N ASP A 76 10.72 19.18 -14.12
CA ASP A 76 11.64 20.20 -14.63
C ASP A 76 11.08 20.92 -15.84
N ASN A 77 10.30 20.21 -16.67
CA ASN A 77 9.69 20.85 -17.84
C ASN A 77 8.59 21.82 -17.42
N LEU A 78 7.75 21.42 -16.46
CA LEU A 78 6.69 22.31 -15.99
C LEU A 78 7.24 23.47 -15.17
N ALA A 79 8.33 23.26 -14.44
CA ALA A 79 8.92 24.31 -13.62
C ALA A 79 9.79 25.26 -14.44
N ALA A 80 10.00 24.99 -15.73
CA ALA A 80 10.92 25.79 -16.53
C ALA A 80 10.33 27.12 -16.96
N GLY A 81 9.01 27.29 -16.94
CA GLY A 81 8.38 28.54 -17.29
C GLY A 81 7.72 29.19 -16.08
N GLN A 82 7.31 30.43 -16.27
CA GLN A 82 6.53 31.15 -15.27
C GLN A 82 5.07 31.16 -15.72
N HIS A 83 4.18 30.65 -14.86
CA HIS A 83 2.79 30.42 -15.21
C HIS A 83 1.86 31.25 -14.32
N GLU A 84 0.63 31.43 -14.78
CA GLU A 84 -0.37 32.17 -14.01
C GLU A 84 -0.82 31.36 -12.80
N VAL A 85 -1.14 32.07 -11.72
CA VAL A 85 -1.69 31.40 -10.54
C VAL A 85 -3.03 30.79 -10.90
N GLY A 86 -3.32 29.63 -10.33
CA GLY A 86 -4.54 28.95 -10.70
C GLY A 86 -4.43 28.00 -11.87
N THR A 87 -3.24 27.82 -12.44
CA THR A 87 -3.00 26.75 -13.39
C THR A 87 -2.31 25.59 -12.67
N ASN A 88 -2.52 24.38 -13.21
CA ASN A 88 -1.84 23.23 -12.63
C ASN A 88 -0.33 23.34 -12.74
N GLU A 89 0.16 23.97 -13.80
CA GLU A 89 1.60 24.17 -13.95
C GLU A 89 2.14 25.04 -12.82
N TYR A 90 1.41 26.10 -12.47
CA TYR A 90 1.82 26.91 -11.33
C TYR A 90 1.77 26.11 -10.03
N ARG A 91 0.72 25.33 -9.82
CA ARG A 91 0.61 24.54 -8.58
C ARG A 91 1.80 23.60 -8.43
N ILE A 92 2.13 22.87 -9.49
CA ILE A 92 3.21 21.90 -9.44
C ILE A 92 4.56 22.60 -9.25
N ALA A 93 4.83 23.62 -10.07
CA ALA A 93 6.10 24.32 -9.99
C ALA A 93 6.29 24.98 -8.62
N THR A 94 5.22 25.53 -8.05
CA THR A 94 5.36 26.27 -6.79
C THR A 94 5.57 25.32 -5.60
N LEU A 95 4.85 24.19 -5.56
CA LEU A 95 5.17 23.18 -4.54
C LEU A 95 6.59 22.67 -4.70
N TYR A 96 7.02 22.38 -5.93
CA TYR A 96 8.36 21.81 -6.13
C TYR A 96 9.44 22.83 -5.76
N ARG A 97 9.31 24.06 -6.24
CA ARG A 97 10.29 25.11 -5.97
C ARG A 97 10.47 25.35 -4.48
N GLN A 98 9.37 25.37 -3.73
CA GLN A 98 9.47 25.61 -2.30
C GLN A 98 10.08 24.42 -1.57
N ALA A 99 9.75 23.20 -2.02
CA ALA A 99 10.36 22.02 -1.41
C ALA A 99 11.88 22.02 -1.57
N MET A 100 12.36 22.50 -2.71
CA MET A 100 13.79 22.49 -3.03
C MET A 100 14.54 23.71 -2.51
N ASP A 101 13.85 24.67 -1.90
CA ASP A 101 14.50 25.91 -1.46
C ASP A 101 15.03 25.72 -0.04
N SER A 102 16.19 25.07 0.06
CA SER A 102 16.76 24.74 1.37
C SER A 102 17.07 25.99 2.18
N ILE A 103 17.58 27.04 1.52
CA ILE A 103 17.96 28.26 2.23
C ILE A 103 16.75 28.88 2.92
N LYS A 104 15.63 28.98 2.20
CA LYS A 104 14.43 29.54 2.82
C LYS A 104 13.89 28.62 3.90
N ARG A 105 13.86 27.32 3.64
CA ARG A 105 13.34 26.39 4.66
C ARG A 105 14.19 26.45 5.92
N ASN A 106 15.51 26.61 5.78
CA ASN A 106 16.39 26.64 6.94
C ASN A 106 16.30 27.96 7.68
N LYS A 107 16.10 29.07 6.95
CA LYS A 107 15.92 30.36 7.60
C LYS A 107 14.62 30.42 8.40
N ASP A 108 13.54 29.88 7.83
CA ASP A 108 12.25 29.86 8.50
C ASP A 108 12.27 28.98 9.74
N GLY A 109 13.02 27.87 9.70
CA GLY A 109 13.08 26.99 10.86
C GLY A 109 11.71 26.52 11.28
N ALA A 110 11.44 26.60 12.57
CA ALA A 110 10.17 26.16 13.15
C ALA A 110 9.09 27.23 13.13
N ALA A 111 9.39 28.44 12.62
CA ALA A 111 8.41 29.52 12.64
C ALA A 111 7.09 29.17 11.95
N PRO A 112 7.05 28.46 10.82
CA PRO A 112 5.73 28.12 10.23
C PRO A 112 4.86 27.23 11.13
N LEU A 113 5.42 26.61 12.17
CA LEU A 113 4.69 25.72 13.07
C LEU A 113 4.07 26.44 14.26
N LYS A 114 4.49 27.68 14.55
CA LYS A 114 4.25 28.26 15.86
C LYS A 114 2.77 28.47 16.14
N GLU A 115 2.01 28.96 15.16
CA GLU A 115 0.59 29.21 15.42
C GLU A 115 -0.16 27.90 15.68
N ASP A 116 0.20 26.84 14.95
CA ASP A 116 -0.46 25.55 15.16
C ASP A 116 -0.18 25.03 16.57
N LEU A 117 1.05 25.21 17.07
CA LEU A 117 1.36 24.77 18.43
C LEU A 117 0.64 25.62 19.48
N GLN A 118 0.61 26.93 19.29
CA GLN A 118 -0.08 27.80 20.25
C GLN A 118 -1.55 27.43 20.37
N LYS A 119 -2.17 27.00 19.27
CA LYS A 119 -3.58 26.64 19.30
C LYS A 119 -3.81 25.38 20.14
N ILE A 120 -2.87 24.44 20.09
CA ILE A 120 -2.98 23.26 20.95
C ILE A 120 -2.75 23.64 22.40
N GLU A 121 -1.77 24.52 22.66
CA GLU A 121 -1.46 24.90 24.03
C GLU A 121 -2.62 25.62 24.69
N ALA A 122 -3.45 26.27 23.89
CA ALA A 122 -4.60 27.02 24.39
C ALA A 122 -5.80 26.15 24.71
N ILE A 123 -5.76 24.85 24.41
CA ILE A 123 -6.90 23.98 24.70
C ILE A 123 -7.07 23.89 26.22
N ALA A 124 -8.22 24.33 26.71
CA ALA A 124 -8.37 24.57 28.14
C ALA A 124 -9.05 23.43 28.88
N ASP A 125 -9.92 22.66 28.21
CA ASP A 125 -10.66 21.60 28.90
C ASP A 125 -11.03 20.52 27.90
N ARG A 126 -11.67 19.46 28.40
CA ARG A 126 -12.01 18.32 27.55
C ARG A 126 -12.98 18.72 26.44
N ALA A 127 -13.89 19.64 26.73
CA ALA A 127 -14.82 20.10 25.69
C ALA A 127 -14.08 20.79 24.55
N ALA A 128 -13.07 21.60 24.87
CA ALA A 128 -12.30 22.25 23.81
C ALA A 128 -11.44 21.24 23.06
N MET A 129 -11.06 20.14 23.71
CA MET A 129 -10.36 19.07 23.02
C MET A 129 -11.23 18.47 21.91
N VAL A 130 -12.52 18.30 22.17
CA VAL A 130 -13.42 17.76 21.16
C VAL A 130 -13.55 18.73 19.99
N LYS A 131 -13.71 20.02 20.28
CA LYS A 131 -13.84 20.99 19.19
C LYS A 131 -12.54 21.11 18.41
N TYR A 132 -11.39 20.98 19.08
CA TYR A 132 -10.11 21.02 18.36
C TYR A 132 -10.00 19.86 17.38
N ALA A 133 -10.40 18.66 17.81
CA ALA A 133 -10.34 17.51 16.91
C ALA A 133 -11.20 17.74 15.67
N ALA A 134 -12.40 18.30 15.84
CA ALA A 134 -13.25 18.60 14.69
C ALA A 134 -12.60 19.64 13.79
N ALA A 135 -12.01 20.69 14.39
CA ALA A 135 -11.38 21.74 13.59
C ALA A 135 -10.21 21.20 12.79
N LYS A 136 -9.37 20.36 13.40
CA LYS A 136 -8.23 19.81 12.69
C LYS A 136 -8.67 18.78 11.66
N ASP A 137 -9.63 17.91 12.01
CA ASP A 137 -10.12 16.94 11.04
C ASP A 137 -10.78 17.64 9.84
N ASN A 138 -11.38 18.81 10.06
CA ASN A 138 -11.94 19.59 8.95
C ASN A 138 -10.86 20.03 7.96
N MET A 139 -9.60 20.03 8.37
CA MET A 139 -8.49 20.38 7.49
C MET A 139 -7.81 19.16 6.90
N GLY A 140 -8.36 17.95 7.13
CA GLY A 140 -7.76 16.73 6.65
C GLY A 140 -7.02 15.92 7.71
N GLY A 141 -7.01 16.38 8.96
CA GLY A 141 -6.30 15.66 10.01
C GLY A 141 -7.04 14.43 10.47
N SER A 142 -6.36 13.65 11.33
CA SER A 142 -6.93 12.47 12.00
C SER A 142 -6.53 12.58 13.47
N THR A 143 -7.20 13.47 14.19
CA THR A 143 -6.70 13.90 15.49
C THR A 143 -6.61 12.74 16.49
N PHE A 144 -7.74 12.04 16.71
CA PHE A 144 -7.75 10.86 17.57
C PHE A 144 -8.15 9.59 16.84
N PHE A 145 -8.70 9.70 15.63
CA PHE A 145 -9.21 8.58 14.86
C PHE A 145 -9.31 9.01 13.40
N GLY A 146 -9.51 8.03 12.51
CA GLY A 146 -9.68 8.33 11.11
C GLY A 146 -11.14 8.48 10.69
N SER A 147 -11.36 9.16 9.56
CA SER A 147 -12.69 9.25 8.95
C SER A 147 -12.55 9.59 7.46
N TYR A 148 -13.51 9.13 6.66
CA TYR A 148 -13.47 9.38 5.22
C TYR A 148 -14.80 9.00 4.59
N VAL A 149 -14.98 9.42 3.34
CA VAL A 149 -16.17 9.12 2.55
C VAL A 149 -15.80 8.14 1.45
N TYR A 150 -16.59 7.06 1.32
CA TYR A 150 -16.33 6.08 0.27
C TYR A 150 -17.56 5.21 0.13
N ALA A 151 -17.55 4.35 -0.89
CA ALA A 151 -18.70 3.49 -1.19
C ALA A 151 -19.13 2.69 0.04
N ASP A 152 -20.44 2.54 0.18
CA ASP A 152 -21.04 1.60 1.14
C ASP A 152 -20.78 0.17 0.68
N ALA A 153 -20.11 -0.63 1.52
CA ALA A 153 -19.80 -2.01 1.15
C ALA A 153 -21.06 -2.84 0.86
N LYS A 154 -22.21 -2.44 1.41
CA LYS A 154 -23.47 -3.13 1.11
C LYS A 154 -24.35 -2.39 0.13
N ASN A 155 -23.90 -1.23 -0.38
CA ASN A 155 -24.61 -0.51 -1.45
C ASN A 155 -23.54 0.26 -2.22
N SER A 156 -22.87 -0.44 -3.14
CA SER A 156 -21.65 0.08 -3.76
C SER A 156 -21.90 1.27 -4.69
N GLU A 157 -23.16 1.66 -4.90
CA GLU A 157 -23.48 2.85 -5.68
C GLU A 157 -23.60 4.12 -4.85
N MET A 158 -23.46 4.03 -3.53
CA MET A 158 -23.70 5.18 -2.65
C MET A 158 -22.47 5.46 -1.80
N ASN A 159 -22.09 6.74 -1.72
CA ASN A 159 -21.02 7.19 -0.84
C ASN A 159 -21.56 7.45 0.56
N ILE A 160 -20.88 6.90 1.58
CA ILE A 160 -21.26 7.05 2.98
C ILE A 160 -20.04 7.44 3.80
N PHE A 161 -20.28 7.84 5.04
CA PHE A 161 -19.24 8.28 5.96
C PHE A 161 -18.75 7.11 6.80
N HIS A 162 -17.42 6.97 6.94
CA HIS A 162 -16.80 5.89 7.70
C HIS A 162 -15.91 6.47 8.80
N ILE A 163 -15.85 5.82 9.96
CA ILE A 163 -14.87 6.18 10.99
C ILE A 163 -14.02 4.96 11.33
N THR A 164 -12.74 5.20 11.62
CA THR A 164 -11.76 4.12 11.77
C THR A 164 -10.83 4.42 12.95
N GLN A 165 -10.18 3.36 13.44
CA GLN A 165 -9.33 3.47 14.61
C GLN A 165 -8.14 4.40 14.35
N THR A 166 -7.49 4.78 15.45
CA THR A 166 -6.32 5.65 15.43
C THR A 166 -5.26 5.14 14.47
N GLY A 167 -4.72 6.06 13.65
CA GLY A 167 -3.53 5.76 12.89
C GLY A 167 -2.30 5.95 13.75
N LEU A 168 -1.47 4.93 13.84
CA LEU A 168 -0.31 4.94 14.73
C LEU A 168 0.94 5.26 13.93
N ALA A 169 1.85 6.04 14.55
CA ALA A 169 3.07 6.46 13.87
C ALA A 169 3.93 5.27 13.44
N LEU A 170 3.96 4.21 14.24
CA LEU A 170 4.75 3.02 13.91
C LEU A 170 3.94 1.98 13.15
N ASP A 171 2.67 2.30 12.84
CA ASP A 171 1.78 1.55 11.95
C ASP A 171 1.16 0.34 12.65
N ASN A 172 1.96 -0.70 12.87
CA ASN A 172 1.48 -1.90 13.54
C ASN A 172 1.41 -1.67 15.05
N ARG A 173 0.26 -1.97 15.65
CA ARG A 173 0.13 -1.77 17.09
C ARG A 173 1.15 -2.58 17.89
N ASP A 174 1.65 -3.68 17.32
N ASP A 174 1.67 -3.67 17.33
CA ASP A 174 2.58 -4.54 18.07
CA ASP A 174 2.57 -4.51 18.10
C ASP A 174 3.87 -3.81 18.45
C ASP A 174 3.88 -3.82 18.45
N TYR A 175 4.27 -2.78 17.71
CA TYR A 175 5.48 -2.03 18.08
C TYR A 175 5.39 -1.48 19.50
N TYR A 176 4.18 -1.10 19.92
CA TYR A 176 3.93 -0.50 21.23
C TYR A 176 3.82 -1.53 22.34
N LEU A 177 3.66 -2.81 22.00
CA LEU A 177 3.32 -3.84 22.97
C LEU A 177 4.36 -4.95 23.12
N LYS A 178 5.07 -5.28 22.04
CA LYS A 178 5.90 -6.49 22.01
C LYS A 178 6.99 -6.42 23.08
N GLN A 179 7.24 -7.54 23.74
CA GLN A 179 8.18 -7.61 24.85
C GLN A 179 9.38 -8.46 24.44
N ASP A 180 10.31 -7.83 23.72
CA ASP A 180 11.64 -8.37 23.50
C ASP A 180 12.60 -7.21 23.39
N ALA A 181 13.90 -7.53 23.35
CA ALA A 181 14.92 -6.49 23.42
C ALA A 181 14.82 -5.52 22.24
N LYS A 182 14.72 -6.06 21.01
CA LYS A 182 14.67 -5.22 19.82
C LYS A 182 13.47 -4.28 19.85
N SER A 183 12.33 -4.77 20.30
CA SER A 183 11.13 -3.94 20.31
C SER A 183 11.28 -2.79 21.30
N GLN A 184 11.84 -3.07 22.49
CA GLN A 184 12.03 -2.01 23.49
C GLN A 184 13.01 -0.96 22.98
N GLN A 185 14.09 -1.41 22.32
CA GLN A 185 15.05 -0.48 21.73
C GLN A 185 14.38 0.46 20.73
N ILE A 186 13.52 -0.08 19.87
CA ILE A 186 12.84 0.76 18.89
C ILE A 186 11.94 1.79 19.59
N ARG A 187 11.23 1.36 20.64
CA ARG A 187 10.36 2.29 21.36
C ARG A 187 11.16 3.44 21.96
N GLU A 188 12.33 3.15 22.53
CA GLU A 188 13.12 4.21 23.16
C GLU A 188 13.72 5.14 22.11
N ALA A 189 14.12 4.60 20.95
CA ALA A 189 14.59 5.47 19.88
C ALA A 189 13.48 6.38 19.36
N TYR A 190 12.23 5.90 19.34
CA TYR A 190 11.12 6.74 18.91
C TYR A 190 10.90 7.88 19.88
N VAL A 191 10.95 7.59 21.18
CA VAL A 191 10.82 8.63 22.20
C VAL A 191 11.94 9.67 22.06
N ALA A 192 13.16 9.23 21.76
CA ALA A 192 14.25 10.19 21.57
C ALA A 192 14.02 11.06 20.35
N TYR A 193 13.43 10.49 19.29
CA TYR A 193 13.06 11.28 18.12
C TYR A 193 12.03 12.36 18.50
N LEU A 194 10.99 11.99 19.25
CA LEU A 194 10.02 12.98 19.70
C LEU A 194 10.68 14.05 20.57
N ASN A 195 11.60 13.63 21.45
CA ASN A 195 12.31 14.61 22.28
C ASN A 195 13.09 15.61 21.41
N LYS A 196 13.79 15.12 20.39
CA LYS A 196 14.61 15.99 19.56
C LYS A 196 13.76 16.99 18.78
N ILE A 197 12.67 16.54 18.16
CA ILE A 197 11.88 17.48 17.36
C ILE A 197 11.15 18.47 18.27
N ALA A 198 10.81 18.06 19.48
CA ALA A 198 10.27 19.02 20.45
C ALA A 198 11.29 20.11 20.75
N LYS A 199 12.55 19.72 20.95
CA LYS A 199 13.60 20.72 21.15
C LYS A 199 13.75 21.62 19.92
N LEU A 200 13.71 21.03 18.73
CA LEU A 200 13.86 21.82 17.50
C LEU A 200 12.70 22.79 17.33
N ALA A 201 11.52 22.43 17.84
CA ALA A 201 10.37 23.33 17.78
C ALA A 201 10.41 24.42 18.84
N GLY A 202 11.38 24.38 19.77
CA GLY A 202 11.59 25.47 20.70
C GLY A 202 11.31 25.16 22.17
N TYR A 203 10.92 23.94 22.51
CA TYR A 203 10.62 23.60 23.90
C TYR A 203 11.90 23.38 24.70
N ASP A 204 11.86 23.73 25.99
CA ASP A 204 13.05 23.53 26.79
C ASP A 204 13.22 22.05 27.11
N ASP A 205 14.33 21.72 27.77
CA ASP A 205 14.67 20.32 28.02
C ASP A 205 13.57 19.62 28.81
N GLU A 206 13.07 20.28 29.85
CA GLU A 206 12.04 19.66 30.69
C GLU A 206 10.76 19.41 29.91
N ALA A 207 10.34 20.38 29.10
CA ALA A 207 9.11 20.22 28.33
C ALA A 207 9.28 19.20 27.21
N ALA A 208 10.46 19.18 26.56
CA ALA A 208 10.70 18.19 25.51
C ALA A 208 10.62 16.77 26.06
N THR A 209 11.19 16.54 27.24
CA THR A 209 11.08 15.24 27.90
C THR A 209 9.64 14.91 28.22
N ARG A 210 8.91 15.88 28.78
CA ARG A 210 7.51 15.67 29.15
C ARG A 210 6.66 15.33 27.95
N ILE A 211 6.83 16.07 26.86
CA ILE A 211 6.01 15.88 25.67
C ILE A 211 6.26 14.49 25.08
N ALA A 212 7.53 14.11 24.94
CA ALA A 212 7.85 12.81 24.35
C ALA A 212 7.30 11.68 25.20
N LYS A 213 7.49 11.76 26.52
CA LYS A 213 7.00 10.70 27.41
C LYS A 213 5.49 10.59 27.36
N ASN A 214 4.78 11.73 27.49
CA ASN A 214 3.32 11.71 27.51
C ASN A 214 2.74 11.28 26.16
N ALA A 215 3.34 11.72 25.06
CA ALA A 215 2.83 11.33 23.75
C ALA A 215 2.96 9.82 23.52
N MET A 216 4.09 9.23 23.92
CA MET A 216 4.25 7.79 23.78
C MET A 216 3.28 7.04 24.68
N LYS A 217 3.08 7.54 25.91
CA LYS A 217 2.09 6.95 26.81
C LYS A 217 0.70 6.95 26.16
N MET A 218 0.27 8.09 25.62
CA MET A 218 -1.07 8.17 25.04
C MET A 218 -1.19 7.28 23.80
N GLU A 219 -0.20 7.32 22.91
CA GLU A 219 -0.29 6.51 21.70
C GLU A 219 -0.24 5.02 22.03
N THR A 220 0.47 4.65 23.10
CA THR A 220 0.50 3.25 23.51
C THR A 220 -0.88 2.79 23.99
N GLU A 221 -1.56 3.63 24.78
CA GLU A 221 -2.90 3.30 25.25
C GLU A 221 -3.89 3.18 24.08
N LEU A 222 -3.75 4.03 23.06
CA LEU A 222 -4.60 3.90 21.89
C LEU A 222 -4.25 2.63 21.11
N ALA A 223 -2.96 2.30 21.00
CA ALA A 223 -2.55 1.08 20.32
C ALA A 223 -3.13 -0.15 20.99
N GLN A 224 -3.24 -0.12 22.33
CA GLN A 224 -3.78 -1.26 23.05
C GLN A 224 -5.23 -1.54 22.65
N ILE A 225 -6.02 -0.51 22.37
CA ILE A 225 -7.42 -0.72 22.03
C ILE A 225 -7.65 -0.82 20.53
N CYS A 226 -6.62 -0.61 19.70
CA CYS A 226 -6.70 -0.84 18.27
C CYS A 226 -6.80 -2.33 17.94
N TYR A 227 -7.36 -2.61 16.76
CA TYR A 227 -7.31 -3.95 16.18
C TYR A 227 -5.93 -4.25 15.62
N SER A 228 -5.57 -5.53 15.61
CA SER A 228 -4.34 -5.97 14.97
C SER A 228 -4.44 -5.85 13.45
N LYS A 229 -3.28 -5.89 12.79
CA LYS A 229 -3.26 -5.88 11.33
C LYS A 229 -4.05 -7.06 10.78
N GLU A 230 -3.93 -8.21 11.43
CA GLU A 230 -4.68 -9.39 11.00
C GLU A 230 -6.17 -9.16 11.13
N GLU A 231 -6.61 -8.62 12.28
CA GLU A 231 -8.04 -8.41 12.48
C GLU A 231 -8.59 -7.34 11.54
N LEU A 232 -7.78 -6.35 11.18
CA LEU A 232 -8.24 -5.33 10.24
C LEU A 232 -8.58 -5.90 8.86
N ARG A 233 -8.07 -7.09 8.53
CA ARG A 233 -8.33 -7.69 7.22
C ARG A 233 -9.65 -8.46 7.18
N ASP A 234 -10.28 -8.71 8.33
CA ASP A 234 -11.54 -9.46 8.37
C ASP A 234 -12.66 -8.59 7.80
N THR A 235 -13.21 -9.02 6.67
CA THR A 235 -14.13 -8.19 5.90
C THR A 235 -15.39 -7.85 6.70
N HIS A 236 -16.09 -8.87 7.20
CA HIS A 236 -17.36 -8.62 7.88
C HIS A 236 -17.16 -7.94 9.24
N ARG A 237 -16.07 -8.28 9.94
CA ARG A 237 -15.81 -7.67 11.25
C ARG A 237 -15.68 -6.15 11.16
N ASN A 238 -15.13 -5.64 10.06
CA ASN A 238 -14.80 -4.23 9.95
C ASN A 238 -15.85 -3.44 9.15
N TYR A 239 -17.08 -3.95 9.06
CA TYR A 239 -18.20 -3.19 8.52
C TYR A 239 -19.31 -3.21 9.57
N ASN A 240 -19.74 -2.03 10.03
CA ASN A 240 -20.83 -1.92 11.00
C ASN A 240 -21.61 -0.63 10.67
N LYS A 241 -22.57 -0.75 9.76
CA LYS A 241 -23.41 0.40 9.40
C LYS A 241 -24.57 0.50 10.38
N MET A 242 -24.84 1.72 10.86
CA MET A 242 -25.89 1.93 11.83
C MET A 242 -26.31 3.39 11.79
N ALA A 243 -27.47 3.69 12.38
CA ALA A 243 -27.85 5.07 12.60
C ALA A 243 -26.83 5.73 13.52
N VAL A 244 -26.38 6.94 13.14
CA VAL A 244 -25.39 7.65 13.95
C VAL A 244 -25.87 7.79 15.40
N LYS A 245 -27.11 8.27 15.57
CA LYS A 245 -27.62 8.56 16.91
C LYS A 245 -27.84 7.31 17.75
N GLU A 246 -27.97 6.14 17.13
CA GLU A 246 -28.06 4.93 17.94
C GLU A 246 -26.77 4.71 18.72
N PHE A 247 -25.64 4.96 18.06
CA PHE A 247 -24.35 4.88 18.76
C PHE A 247 -24.17 6.08 19.69
N THR A 248 -24.43 7.30 19.21
CA THR A 248 -24.03 8.46 20.00
C THR A 248 -24.95 8.74 21.18
N ASN A 249 -26.20 8.26 21.17
CA ASN A 249 -27.01 8.35 22.39
C ASN A 249 -26.39 7.55 23.53
N LYS A 250 -25.70 6.45 23.19
CA LYS A 250 -25.22 5.53 24.22
C LYS A 250 -23.79 5.84 24.66
N TYR A 251 -22.91 6.24 23.75
CA TYR A 251 -21.49 6.39 24.03
C TYR A 251 -21.15 7.88 24.00
N GLN A 252 -21.26 8.53 25.16
CA GLN A 252 -21.09 9.97 25.25
C GLN A 252 -19.80 10.38 25.98
N GLY A 253 -18.87 9.44 26.20
CA GLY A 253 -17.60 9.81 26.80
C GLY A 253 -16.80 10.75 25.90
N PHE A 254 -16.77 10.45 24.61
CA PHE A 254 -16.37 11.41 23.58
C PHE A 254 -17.65 12.07 23.05
N ASP A 255 -17.68 13.41 23.06
CA ASP A 255 -18.89 14.14 22.69
C ASP A 255 -19.02 14.15 21.17
N TRP A 256 -19.53 13.04 20.63
CA TRP A 256 -19.72 12.91 19.19
C TRP A 256 -20.67 13.96 18.63
N THR A 257 -21.68 14.36 19.39
CA THR A 257 -22.66 15.30 18.86
C THR A 257 -22.02 16.65 18.54
N THR A 258 -21.20 17.17 19.46
CA THR A 258 -20.45 18.39 19.20
C THR A 258 -19.44 18.21 18.07
N TYR A 259 -18.69 17.11 18.10
CA TYR A 259 -17.71 16.84 17.05
C TYR A 259 -18.36 16.87 15.67
N LEU A 260 -19.45 16.13 15.51
CA LEU A 260 -20.12 16.04 14.21
C LEU A 260 -20.73 17.37 13.81
N ALA A 261 -21.26 18.12 14.78
CA ALA A 261 -21.80 19.44 14.46
C ALA A 261 -20.72 20.37 13.94
N ASP A 262 -19.53 20.33 14.56
CA ASP A 262 -18.43 21.18 14.09
C ASP A 262 -17.84 20.68 12.78
N ARG A 263 -17.97 19.38 12.48
CA ARG A 263 -17.64 18.87 11.15
C ARG A 263 -18.70 19.22 10.12
N GLN A 264 -19.77 19.93 10.52
CA GLN A 264 -20.89 20.24 9.63
C GLN A 264 -21.57 18.96 9.14
N LEU A 265 -21.66 17.97 10.02
CA LEU A 265 -22.22 16.66 9.70
C LEU A 265 -23.44 16.34 10.56
N THR A 266 -24.09 17.33 11.15
CA THR A 266 -25.28 17.04 11.94
C THR A 266 -26.44 16.55 11.09
N THR A 267 -26.34 16.66 9.76
CA THR A 267 -27.32 16.11 8.82
C THR A 267 -27.09 14.63 8.54
N LEU A 268 -26.14 13.97 9.20
CA LEU A 268 -25.76 12.61 8.88
C LEU A 268 -26.63 11.62 9.65
N GLU A 269 -27.39 10.80 8.90
CA GLU A 269 -28.28 9.83 9.54
C GLU A 269 -27.59 8.51 9.84
N GLU A 270 -26.74 8.01 8.95
CA GLU A 270 -26.08 6.72 9.14
C GLU A 270 -24.59 6.86 8.92
N TRP A 271 -23.83 5.89 9.44
CA TRP A 271 -22.39 5.83 9.19
C TRP A 271 -21.90 4.40 9.32
N ASP A 272 -20.64 4.19 8.95
CA ASP A 272 -19.98 2.89 9.04
C ASP A 272 -18.90 2.97 10.11
N VAL A 273 -19.15 2.34 11.25
CA VAL A 273 -18.19 2.31 12.36
C VAL A 273 -17.34 1.05 12.15
N GLU A 274 -16.20 1.22 11.47
CA GLU A 274 -15.48 0.07 10.96
C GLU A 274 -14.90 -0.78 12.10
N GLN A 275 -14.11 -0.18 12.99
CA GLN A 275 -13.57 -0.91 14.14
C GLN A 275 -14.46 -0.61 15.34
N LEU A 276 -15.60 -1.31 15.39
CA LEU A 276 -16.62 -0.97 16.38
C LEU A 276 -16.12 -1.12 17.81
N ASP A 277 -15.33 -2.16 18.08
CA ASP A 277 -14.85 -2.33 19.45
C ASP A 277 -13.76 -1.33 19.82
N PHE A 278 -13.03 -0.78 18.84
CA PHE A 278 -12.17 0.36 19.14
C PHE A 278 -12.99 1.53 19.69
N PHE A 279 -14.09 1.87 19.01
CA PHE A 279 -14.82 3.06 19.41
C PHE A 279 -15.57 2.86 20.72
N LYS A 280 -15.98 1.63 21.04
CA LYS A 280 -16.55 1.40 22.35
C LYS A 280 -15.51 1.58 23.46
N LYS A 281 -14.28 1.13 23.23
CA LYS A 281 -13.24 1.34 24.24
C LYS A 281 -12.78 2.78 24.29
N PHE A 282 -12.74 3.44 23.11
CA PHE A 282 -12.35 4.85 23.05
C PHE A 282 -13.31 5.72 23.86
N ASP A 283 -14.58 5.32 23.96
CA ASP A 283 -15.56 6.03 24.78
C ASP A 283 -15.05 6.26 26.21
N SER A 284 -14.54 5.21 26.86
CA SER A 284 -14.08 5.39 28.22
C SER A 284 -12.65 5.90 28.30
N TRP A 285 -11.79 5.55 27.31
CA TRP A 285 -10.44 6.11 27.31
C TRP A 285 -10.48 7.63 27.27
N PHE A 286 -11.29 8.17 26.36
CA PHE A 286 -11.30 9.62 26.17
C PHE A 286 -11.92 10.34 27.37
N ALA A 287 -12.96 9.76 27.95
CA ALA A 287 -13.59 10.36 29.12
C ALA A 287 -12.61 10.47 30.29
N LYS A 288 -11.64 9.55 30.39
CA LYS A 288 -10.81 9.43 31.58
C LYS A 288 -9.37 9.90 31.40
N ALA A 289 -8.93 10.16 30.17
CA ALA A 289 -7.52 10.46 29.94
C ALA A 289 -7.14 11.82 30.53
N ASP A 290 -5.91 11.90 31.02
CA ASP A 290 -5.42 13.14 31.60
C ASP A 290 -5.31 14.21 30.51
N LEU A 291 -5.84 15.40 30.80
CA LEU A 291 -5.93 16.44 29.78
C LEU A 291 -4.54 16.90 29.34
N ASN A 292 -3.61 17.06 30.28
CA ASN A 292 -2.26 17.49 29.91
C ASN A 292 -1.55 16.45 29.05
N GLU A 293 -1.76 15.17 29.36
CA GLU A 293 -1.14 14.11 28.57
C GLU A 293 -1.71 14.06 27.16
N MET A 294 -3.03 14.27 27.02
CA MET A 294 -3.63 14.32 25.68
C MET A 294 -3.08 15.50 24.90
N ARG A 295 -2.93 16.65 25.56
CA ARG A 295 -2.38 17.83 24.90
C ARG A 295 -0.98 17.56 24.35
N ASP A 296 -0.13 16.90 25.13
CA ASP A 296 1.22 16.59 24.68
C ASP A 296 1.21 15.60 23.51
N TYR A 297 0.27 14.65 23.51
CA TYR A 297 0.10 13.79 22.35
C TYR A 297 -0.20 14.60 21.09
N LEU A 298 -1.04 15.64 21.22
CA LEU A 298 -1.37 16.46 20.06
C LEU A 298 -0.18 17.29 19.60
N LEU A 299 0.57 17.86 20.56
CA LEU A 299 1.77 18.60 20.20
C LEU A 299 2.76 17.71 19.44
N ALA A 300 3.00 16.50 19.94
CA ALA A 300 3.97 15.62 19.31
C ALA A 300 3.56 15.21 17.90
N GLY A 301 2.27 14.90 17.69
CA GLY A 301 1.81 14.53 16.37
C GLY A 301 1.89 15.68 15.38
N THR A 302 1.65 16.90 15.86
CA THR A 302 1.71 18.07 14.96
C THR A 302 3.15 18.37 14.56
N ILE A 303 4.08 18.31 15.51
CA ILE A 303 5.49 18.53 15.17
C ILE A 303 5.97 17.43 14.24
N SER A 304 5.64 16.17 14.56
CA SER A 304 6.13 15.06 13.72
C SER A 304 5.56 15.14 12.32
N GLY A 305 4.27 15.50 12.21
CA GLY A 305 3.66 15.62 10.90
C GLY A 305 4.22 16.75 10.06
N ALA A 306 4.90 17.71 10.69
CA ALA A 306 5.51 18.82 9.98
C ALA A 306 7.01 18.62 9.73
N ALA A 307 7.59 17.53 10.23
CA ALA A 307 9.05 17.38 10.23
C ALA A 307 9.65 17.24 8.83
N SER A 308 8.85 16.85 7.82
CA SER A 308 9.35 16.76 6.46
C SER A 308 9.14 18.04 5.67
N TYR A 309 8.58 19.09 6.29
CA TYR A 309 8.21 20.30 5.58
C TYR A 309 8.86 21.55 6.17
N LEU A 310 9.85 21.40 7.05
CA LEU A 310 10.50 22.55 7.68
C LEU A 310 11.98 22.58 7.36
N SER A 311 12.84 22.85 8.35
CA SER A 311 14.27 23.02 8.13
C SER A 311 14.98 21.65 8.05
N ASP A 312 16.26 21.69 7.68
CA ASP A 312 16.99 20.43 7.52
C ASP A 312 17.18 19.72 8.86
N ASP A 313 17.26 20.47 9.97
CA ASP A 313 17.33 19.85 11.29
C ASP A 313 16.19 18.86 11.52
N PHE A 314 14.96 19.27 11.20
CA PHE A 314 13.81 18.38 11.37
C PHE A 314 13.92 17.14 10.49
N GLU A 315 14.32 17.30 9.23
CA GLU A 315 14.43 16.13 8.35
C GLU A 315 15.52 15.18 8.83
N GLN A 316 16.61 15.73 9.37
CA GLN A 316 17.69 14.88 9.86
C GLN A 316 17.27 14.09 11.09
N ALA A 317 16.55 14.74 12.01
CA ALA A 317 16.01 14.03 13.17
C ALA A 317 15.08 12.91 12.73
N ARG A 318 14.22 13.19 11.75
CA ARG A 318 13.30 12.18 11.26
C ARG A 318 14.05 11.04 10.58
N PHE A 319 15.08 11.37 9.79
CA PHE A 319 15.88 10.35 9.12
C PHE A 319 16.56 9.43 10.13
N ASP A 320 17.09 10.01 11.22
CA ASP A 320 17.79 9.21 12.21
C ASP A 320 16.90 8.10 12.76
N PHE A 321 15.59 8.33 12.84
CA PHE A 321 14.72 7.26 13.35
C PHE A 321 14.13 6.42 12.22
N PHE A 322 13.32 7.03 11.34
CA PHE A 322 12.63 6.23 10.34
C PHE A 322 13.59 5.65 9.31
N GLY A 323 14.73 6.28 9.10
CA GLY A 323 15.72 5.72 8.19
C GLY A 323 16.75 4.84 8.86
N LYS A 324 17.64 5.44 9.67
CA LYS A 324 18.74 4.67 10.25
C LYS A 324 18.23 3.57 11.18
N THR A 325 17.32 3.91 12.07
CA THR A 325 16.90 2.95 13.10
C THR A 325 15.97 1.88 12.54
N LEU A 326 14.90 2.30 11.84
CA LEU A 326 13.90 1.34 11.38
C LEU A 326 14.28 0.65 10.08
N SER A 327 15.05 1.29 9.20
CA SER A 327 15.38 0.71 7.90
C SER A 327 16.86 0.40 7.69
N GLY A 328 17.76 0.90 8.53
CA GLY A 328 19.16 0.56 8.41
C GLY A 328 19.96 1.37 7.42
N THR A 329 19.34 2.37 6.79
CA THR A 329 20.06 3.23 5.85
C THR A 329 21.03 4.15 6.59
N THR A 330 22.00 4.68 5.84
CA THR A 330 23.01 5.56 6.42
C THR A 330 23.08 6.94 5.78
N GLU A 331 22.35 7.18 4.69
CA GLU A 331 22.31 8.49 4.03
C GLU A 331 20.90 8.73 3.51
N MET A 332 20.58 10.01 3.30
CA MET A 332 19.31 10.35 2.68
C MET A 332 19.41 10.29 1.16
N HIS A 333 18.27 10.11 0.51
CA HIS A 333 18.19 10.23 -0.93
C HIS A 333 18.38 11.69 -1.35
N PRO A 334 18.70 11.94 -2.62
CA PRO A 334 18.79 13.33 -3.09
C PRO A 334 17.49 14.08 -2.85
N ARG A 335 17.62 15.41 -2.68
CA ARG A 335 16.46 16.23 -2.33
C ARG A 335 15.35 16.10 -3.37
N TRP A 336 15.69 15.95 -4.64
CA TRP A 336 14.65 15.97 -5.67
C TRP A 336 13.71 14.77 -5.56
N LYS A 337 14.18 13.64 -5.04
CA LYS A 337 13.35 12.44 -5.00
C LYS A 337 12.14 12.63 -4.07
N ARG A 338 12.38 13.16 -2.86
CA ARG A 338 11.27 13.41 -1.96
C ARG A 338 10.36 14.51 -2.50
N SER A 339 10.94 15.51 -3.14
CA SER A 339 10.15 16.62 -3.67
C SER A 339 9.26 16.17 -4.82
N VAL A 340 9.81 15.34 -5.74
CA VAL A 340 8.99 14.81 -6.83
C VAL A 340 7.90 13.89 -6.28
N GLY A 341 8.25 13.05 -5.30
CA GLY A 341 7.23 12.20 -4.70
C GLY A 341 6.09 12.99 -4.11
N MET A 342 6.41 14.14 -3.50
CA MET A 342 5.40 14.99 -2.89
C MET A 342 4.45 15.59 -3.94
N VAL A 343 5.00 16.15 -5.02
CA VAL A 343 4.07 16.72 -6.01
C VAL A 343 3.24 15.62 -6.66
N SER A 344 3.79 14.40 -6.80
CA SER A 344 3.01 13.33 -7.41
C SER A 344 1.88 12.87 -6.49
N SER A 345 2.04 13.04 -5.17
CA SER A 345 0.99 12.64 -4.24
C SER A 345 -0.16 13.65 -4.18
N PHE A 346 0.08 14.91 -4.56
CA PHE A 346 -0.98 15.92 -4.52
C PHE A 346 -1.58 16.23 -5.89
N LEU A 347 -0.80 16.18 -6.96
CA LEU A 347 -1.28 16.51 -8.30
C LEU A 347 -0.94 15.41 -9.28
N GLY A 348 -1.15 14.15 -8.88
CA GLY A 348 -0.63 13.02 -9.64
C GLY A 348 -1.25 12.86 -11.02
N GLU A 349 -2.52 13.23 -11.19
CA GLU A 349 -3.14 13.07 -12.50
C GLU A 349 -2.72 14.16 -13.47
N ALA A 350 -2.37 15.35 -12.96
CA ALA A 350 -1.78 16.37 -13.82
C ALA A 350 -0.43 15.91 -14.35
N LEU A 351 0.41 15.35 -13.48
CA LEU A 351 1.67 14.77 -13.94
C LEU A 351 1.44 13.56 -14.83
N GLY A 352 0.42 12.75 -14.49
CA GLY A 352 0.19 11.53 -15.24
C GLY A 352 -0.25 11.76 -16.67
N GLU A 353 -0.99 12.84 -16.91
CA GLU A 353 -1.38 13.15 -18.29
C GLU A 353 -0.14 13.43 -19.14
N VAL A 354 0.83 14.17 -18.59
CA VAL A 354 2.06 14.43 -19.33
C VAL A 354 2.86 13.16 -19.49
N TYR A 355 2.89 12.33 -18.45
CA TYR A 355 3.65 11.08 -18.49
C TYR A 355 3.20 10.21 -19.66
N VAL A 356 1.89 10.00 -19.81
CA VAL A 356 1.43 9.11 -20.86
C VAL A 356 1.69 9.71 -22.25
N LYS A 357 1.50 11.02 -22.39
CA LYS A 357 1.74 11.67 -23.68
C LYS A 357 3.21 11.56 -24.08
N GLN A 358 4.12 11.56 -23.12
CA GLN A 358 5.54 11.55 -23.43
C GLN A 358 6.12 10.14 -23.52
N TYR A 359 5.60 9.19 -22.73
CA TYR A 359 6.28 7.92 -22.55
C TYR A 359 5.47 6.67 -22.87
N PHE A 360 4.14 6.75 -23.00
CA PHE A 360 3.34 5.53 -23.12
C PHE A 360 2.95 5.29 -24.56
N PRO A 361 3.44 4.23 -25.20
CA PRO A 361 3.10 3.99 -26.61
C PRO A 361 1.74 3.34 -26.74
N PRO A 362 0.92 3.79 -27.71
CA PRO A 362 -0.44 3.23 -27.83
C PRO A 362 -0.48 1.73 -28.05
N GLU A 363 0.51 1.17 -28.77
CA GLU A 363 0.49 -0.28 -29.05
C GLU A 363 0.54 -1.09 -27.76
N ALA A 364 1.09 -0.52 -26.68
CA ALA A 364 1.16 -1.24 -25.42
C ALA A 364 -0.21 -1.44 -24.80
N LYS A 365 -1.10 -0.45 -24.91
CA LYS A 365 -2.44 -0.58 -24.35
C LYS A 365 -3.23 -1.67 -25.07
N GLU A 366 -3.13 -1.72 -26.40
CA GLU A 366 -3.88 -2.71 -27.18
C GLU A 366 -3.39 -4.12 -26.88
N ARG A 367 -2.06 -4.31 -26.82
CA ARG A 367 -1.53 -5.63 -26.53
C ARG A 367 -1.84 -6.06 -25.10
N MET A 368 -1.83 -5.11 -24.16
CA MET A 368 -2.17 -5.44 -22.78
C MET A 368 -3.62 -5.90 -22.67
N LEU A 369 -4.53 -5.26 -23.42
CA LEU A 369 -5.92 -5.67 -23.35
C LEU A 369 -6.10 -7.10 -23.85
N LYS A 370 -5.38 -7.48 -24.92
CA LYS A 370 -5.43 -8.86 -25.39
C LYS A 370 -4.95 -9.82 -24.30
N LEU A 371 -3.86 -9.47 -23.62
CA LEU A 371 -3.35 -10.32 -22.54
C LEU A 371 -4.35 -10.45 -21.41
N VAL A 372 -4.97 -9.33 -21.00
CA VAL A 372 -5.94 -9.38 -19.91
C VAL A 372 -7.11 -10.29 -20.27
N LYS A 373 -7.61 -10.18 -21.50
CA LYS A 373 -8.72 -11.04 -21.91
C LYS A 373 -8.31 -12.51 -21.96
N ASN A 374 -7.05 -12.79 -22.31
CA ASN A 374 -6.57 -14.17 -22.27
C ASN A 374 -6.54 -14.69 -20.83
N LEU A 375 -6.05 -13.87 -19.89
CA LEU A 375 -6.03 -14.29 -18.49
C LEU A 375 -7.44 -14.51 -17.96
N GLN A 376 -8.37 -13.61 -18.31
CA GLN A 376 -9.76 -13.76 -17.90
C GLN A 376 -10.37 -15.07 -18.38
N THR A 377 -10.11 -15.43 -19.64
CA THR A 377 -10.59 -16.71 -20.16
C THR A 377 -10.00 -17.87 -19.36
N ALA A 378 -8.70 -17.80 -19.06
CA ALA A 378 -8.05 -18.89 -18.34
C ALA A 378 -8.60 -19.02 -16.92
N LEU A 379 -8.88 -17.90 -16.26
CA LEU A 379 -9.48 -17.96 -14.93
C LEU A 379 -10.83 -18.67 -14.96
N GLY A 380 -11.66 -18.39 -15.97
CA GLY A 380 -12.91 -19.12 -16.10
C GLY A 380 -12.70 -20.61 -16.30
N GLU A 381 -11.68 -20.97 -17.09
CA GLU A 381 -11.38 -22.38 -17.30
C GLU A 381 -10.94 -23.04 -16.01
N ARG A 382 -10.04 -22.38 -15.28
CA ARG A 382 -9.53 -22.92 -14.02
C ARG A 382 -10.67 -23.17 -13.03
N ILE A 383 -11.56 -22.20 -12.88
CA ILE A 383 -12.65 -22.33 -11.91
C ILE A 383 -13.55 -23.50 -12.29
N ASN A 384 -13.87 -23.63 -13.58
CA ASN A 384 -14.75 -24.71 -14.00
C ASN A 384 -14.10 -26.09 -13.86
N MET A 385 -12.77 -26.17 -13.84
CA MET A 385 -12.09 -27.45 -13.68
C MET A 385 -11.87 -27.83 -12.21
N LEU A 386 -12.21 -26.96 -11.26
CA LEU A 386 -12.04 -27.31 -9.86
C LEU A 386 -12.92 -28.49 -9.47
N THR A 387 -12.37 -29.40 -8.69
CA THR A 387 -13.10 -30.59 -8.26
C THR A 387 -13.66 -30.48 -6.85
N TRP A 388 -13.26 -29.46 -6.09
CA TRP A 388 -13.78 -29.30 -4.75
C TRP A 388 -14.99 -28.39 -4.68
N MET A 389 -15.21 -27.56 -5.69
CA MET A 389 -16.28 -26.56 -5.66
C MET A 389 -17.52 -27.08 -6.38
N GLY A 390 -18.68 -26.85 -5.77
CA GLY A 390 -19.95 -27.25 -6.36
C GLY A 390 -20.35 -26.35 -7.52
N ASP A 391 -21.42 -26.78 -8.19
CA ASP A 391 -21.86 -26.12 -9.42
C ASP A 391 -22.48 -24.76 -9.14
N SER A 392 -23.21 -24.64 -8.04
CA SER A 392 -23.83 -23.37 -7.70
C SER A 392 -22.78 -22.27 -7.52
N THR A 393 -21.76 -22.55 -6.70
CA THR A 393 -20.74 -21.55 -6.44
C THR A 393 -19.89 -21.27 -7.67
N LYS A 394 -19.64 -22.28 -8.50
CA LYS A 394 -18.92 -22.06 -9.75
C LYS A 394 -19.65 -21.06 -10.65
N MET A 395 -20.98 -21.19 -10.75
CA MET A 395 -21.73 -20.29 -11.63
C MET A 395 -21.63 -18.85 -11.15
N LYS A 396 -21.78 -18.62 -9.85
CA LYS A 396 -21.64 -17.26 -9.34
C LYS A 396 -20.21 -16.74 -9.48
N ALA A 397 -19.21 -17.63 -9.39
CA ALA A 397 -17.83 -17.20 -9.62
C ALA A 397 -17.64 -16.75 -11.07
N GLN A 398 -18.26 -17.47 -12.02
CA GLN A 398 -18.16 -17.06 -13.42
C GLN A 398 -18.83 -15.71 -13.65
N GLU A 399 -19.97 -15.46 -13.00
CA GLU A 399 -20.63 -14.17 -13.13
C GLU A 399 -19.73 -13.04 -12.67
N LYS A 400 -19.00 -13.25 -11.57
CA LYS A 400 -18.12 -12.20 -11.07
C LYS A 400 -16.96 -11.96 -12.03
N LEU A 401 -16.28 -13.03 -12.47
CA LEU A 401 -15.10 -12.81 -13.30
C LEU A 401 -15.47 -12.29 -14.68
N ASN A 402 -16.68 -12.59 -15.16
CA ASN A 402 -17.11 -12.00 -16.43
C ASN A 402 -17.42 -10.51 -16.30
N SER A 403 -17.58 -10.01 -15.07
CA SER A 403 -18.00 -8.64 -14.81
C SER A 403 -16.86 -7.69 -14.48
N PHE A 404 -15.61 -8.16 -14.52
CA PHE A 404 -14.46 -7.31 -14.22
C PHE A 404 -14.54 -6.00 -15.01
N ILE A 405 -14.26 -4.89 -14.34
CA ILE A 405 -13.96 -3.63 -15.03
C ILE A 405 -12.46 -3.59 -15.26
N ILE A 406 -12.05 -3.38 -16.51
CA ILE A 406 -10.64 -3.42 -16.90
C ILE A 406 -10.17 -2.01 -17.21
N LYS A 407 -9.12 -1.56 -16.51
CA LYS A 407 -8.57 -0.22 -16.69
C LYS A 407 -7.08 -0.34 -16.99
N ILE A 408 -6.66 0.17 -18.14
CA ILE A 408 -5.28 0.00 -18.63
C ILE A 408 -4.69 1.36 -19.01
N GLY A 409 -3.50 1.64 -18.49
CA GLY A 409 -2.74 2.79 -18.95
C GLY A 409 -3.05 4.08 -18.22
N TYR A 410 -4.26 4.59 -18.38
CA TYR A 410 -4.61 5.91 -17.87
C TYR A 410 -6.12 6.05 -17.87
N PRO A 411 -6.68 6.97 -17.08
CA PRO A 411 -8.12 7.20 -17.13
C PRO A 411 -8.52 7.99 -18.37
N ASP A 412 -9.81 7.89 -18.70
CA ASP A 412 -10.35 8.57 -19.87
C ASP A 412 -10.72 10.03 -19.58
N LYS A 413 -10.83 10.43 -18.32
CA LYS A 413 -10.98 11.81 -17.91
C LYS A 413 -9.95 12.12 -16.82
N TRP A 414 -9.55 13.39 -16.73
CA TRP A 414 -8.52 13.80 -15.79
C TRP A 414 -9.10 14.68 -14.69
N LYS A 415 -8.53 14.51 -13.49
CA LYS A 415 -9.03 15.19 -12.29
C LYS A 415 -8.98 16.72 -12.43
N ASP A 416 -10.00 17.38 -11.91
CA ASP A 416 -10.09 18.84 -11.89
C ASP A 416 -9.49 19.36 -10.60
N TYR A 417 -8.32 20.00 -10.69
CA TYR A 417 -7.61 20.55 -9.53
C TYR A 417 -7.87 22.03 -9.31
N SER A 418 -8.89 22.61 -9.95
CA SER A 418 -8.98 24.07 -10.03
C SER A 418 -9.26 24.73 -8.69
N LYS A 419 -9.80 24.01 -7.71
CA LYS A 419 -10.08 24.60 -6.40
C LYS A 419 -8.89 24.58 -5.45
N MET A 420 -7.77 23.96 -5.84
CA MET A 420 -6.62 23.87 -4.94
C MET A 420 -5.87 25.20 -4.93
N GLU A 421 -5.77 25.82 -3.74
CA GLU A 421 -5.09 27.10 -3.60
C GLU A 421 -3.63 26.88 -3.22
N ILE A 422 -2.72 27.18 -4.14
CA ILE A 422 -1.29 27.19 -3.87
C ILE A 422 -0.84 28.65 -3.93
N LYS A 423 -0.23 29.15 -2.85
CA LYS A 423 0.08 30.57 -2.74
C LYS A 423 1.56 30.92 -2.75
N GLY A 424 2.44 30.00 -2.35
CA GLY A 424 3.86 30.30 -2.40
C GLY A 424 4.39 31.14 -1.25
N ASP A 425 3.70 31.16 -0.11
CA ASP A 425 4.22 31.87 1.05
C ASP A 425 5.17 31.00 1.87
N SER A 426 4.86 29.72 2.04
CA SER A 426 5.82 28.79 2.62
C SER A 426 5.45 27.38 2.22
N TYR A 427 6.47 26.51 2.19
CA TYR A 427 6.28 25.10 1.86
C TYR A 427 5.19 24.47 2.75
N TYR A 428 5.36 24.59 4.07
CA TYR A 428 4.42 23.96 5.01
C TYR A 428 3.01 24.51 4.85
N ALA A 429 2.90 25.84 4.64
CA ALA A 429 1.58 26.44 4.45
C ALA A 429 0.89 25.85 3.21
N ASP A 430 1.62 25.69 2.12
CA ASP A 430 1.00 25.16 0.89
C ASP A 430 0.71 23.67 0.99
N ILE A 431 1.54 22.92 1.73
CA ILE A 431 1.23 21.52 1.99
C ILE A 431 -0.12 21.41 2.71
N LYS A 432 -0.38 22.31 3.66
CA LYS A 432 -1.65 22.26 4.36
C LYS A 432 -2.82 22.62 3.44
N ARG A 433 -2.60 23.57 2.51
CA ARG A 433 -3.66 23.91 1.57
C ARG A 433 -3.94 22.76 0.60
N ALA A 434 -2.89 22.09 0.12
CA ALA A 434 -3.09 20.95 -0.77
C ALA A 434 -3.81 19.82 -0.03
N SER A 435 -3.47 19.62 1.24
CA SER A 435 -4.13 18.61 2.06
C SER A 435 -5.58 18.99 2.30
N LYS A 436 -5.84 20.28 2.56
CA LYS A 436 -7.21 20.75 2.70
C LYS A 436 -8.03 20.49 1.44
N TRP A 437 -7.42 20.71 0.27
CA TRP A 437 -8.14 20.44 -0.98
C TRP A 437 -8.51 18.97 -1.09
N MET A 438 -7.55 18.07 -0.81
CA MET A 438 -7.84 16.64 -0.89
C MET A 438 -8.95 16.25 0.07
N HIS A 439 -8.95 16.82 1.28
CA HIS A 439 -10.01 16.53 2.24
C HIS A 439 -11.37 17.00 1.74
N ASP A 440 -11.46 18.27 1.32
CA ASP A 440 -12.73 18.80 0.84
C ASP A 440 -13.24 18.00 -0.36
N ASP A 441 -12.32 17.58 -1.24
CA ASP A 441 -12.72 16.82 -2.42
C ASP A 441 -13.33 15.49 -2.04
N ASN A 442 -12.80 14.85 -0.99
CA ASN A 442 -13.37 13.61 -0.49
C ASN A 442 -14.73 13.84 0.16
N MET A 443 -14.84 14.90 0.97
CA MET A 443 -16.10 15.15 1.68
C MET A 443 -17.22 15.45 0.70
N ALA A 444 -16.89 16.09 -0.43
CA ALA A 444 -17.93 16.47 -1.38
C ALA A 444 -18.60 15.25 -2.02
N ASP A 445 -18.00 14.07 -1.90
CA ASP A 445 -18.61 12.86 -2.44
C ASP A 445 -19.80 12.37 -1.60
N LEU A 446 -19.94 12.88 -0.37
CA LEU A 446 -20.90 12.31 0.57
C LEU A 446 -22.34 12.41 0.06
N GLY A 447 -23.04 11.28 0.09
CA GLY A 447 -24.41 11.21 -0.37
C GLY A 447 -24.60 11.19 -1.87
N LYS A 448 -23.51 11.23 -2.65
CA LYS A 448 -23.57 11.22 -4.10
C LYS A 448 -23.27 9.83 -4.66
N THR A 449 -23.71 9.61 -5.90
CA THR A 449 -23.47 8.33 -6.57
C THR A 449 -21.97 8.09 -6.70
N VAL A 450 -21.55 6.84 -6.49
CA VAL A 450 -20.13 6.51 -6.55
C VAL A 450 -19.64 6.57 -7.99
N ASP A 451 -18.50 7.23 -8.18
CA ASP A 451 -17.84 7.32 -9.48
C ASP A 451 -17.00 6.07 -9.68
N ARG A 452 -17.53 5.10 -10.43
CA ARG A 452 -16.85 3.82 -10.61
C ARG A 452 -15.69 3.89 -11.61
N GLU A 453 -15.56 5.00 -12.36
CA GLU A 453 -14.49 5.14 -13.33
C GLU A 453 -13.20 5.71 -12.74
N ARG A 454 -13.28 6.32 -11.55
CA ARG A 454 -12.12 6.93 -10.92
C ARG A 454 -10.97 5.93 -10.74
N TRP A 455 -9.75 6.39 -10.96
CA TRP A 455 -8.54 5.64 -10.70
C TRP A 455 -8.03 5.89 -9.28
N LEU A 456 -7.63 4.82 -8.58
CA LEU A 456 -7.06 4.94 -7.25
C LEU A 456 -5.54 4.97 -7.27
N MET A 457 -4.93 4.92 -8.45
CA MET A 457 -3.49 5.12 -8.63
C MET A 457 -3.31 6.04 -9.83
N ASN A 458 -2.08 6.53 -10.02
CA ASN A 458 -1.74 7.40 -11.13
C ASN A 458 -1.05 6.61 -12.24
N PRO A 459 -1.09 7.09 -13.49
CA PRO A 459 -0.45 6.32 -14.58
C PRO A 459 1.04 6.09 -14.38
N GLN A 460 1.73 6.99 -13.66
CA GLN A 460 3.16 6.88 -13.45
C GLN A 460 3.53 5.98 -12.27
N ASP A 461 2.55 5.35 -11.60
CA ASP A 461 2.83 4.49 -10.46
C ASP A 461 3.20 3.08 -10.92
N VAL A 462 4.36 2.60 -10.50
CA VAL A 462 4.80 1.24 -10.82
C VAL A 462 4.11 0.27 -9.87
N ASN A 463 2.86 -0.06 -10.16
CA ASN A 463 2.01 -0.86 -9.28
C ASN A 463 0.77 -1.29 -10.07
N ALA A 464 -0.15 -1.98 -9.39
CA ALA A 464 -1.44 -2.36 -9.95
C ALA A 464 -2.37 -2.68 -8.79
N TYR A 465 -3.68 -2.78 -9.07
CA TYR A 465 -4.58 -3.04 -7.95
C TYR A 465 -5.88 -3.69 -8.38
N TYR A 466 -6.55 -4.30 -7.40
CA TYR A 466 -7.93 -4.76 -7.50
C TYR A 466 -8.76 -3.98 -6.48
N ASN A 467 -9.98 -3.60 -6.86
CA ASN A 467 -10.88 -2.92 -5.94
C ASN A 467 -12.17 -3.70 -5.76
N PRO A 468 -12.49 -4.17 -4.55
CA PRO A 468 -13.69 -5.02 -4.39
C PRO A 468 -15.00 -4.28 -4.63
N THR A 469 -15.12 -3.01 -4.23
CA THR A 469 -16.43 -2.38 -4.34
C THR A 469 -16.77 -1.96 -5.77
N THR A 470 -15.83 -2.08 -6.71
CA THR A 470 -16.12 -1.85 -8.11
C THR A 470 -15.85 -3.08 -8.96
N ASN A 471 -15.22 -4.11 -8.41
CA ASN A 471 -14.78 -5.29 -9.15
C ASN A 471 -13.93 -4.89 -10.35
N GLU A 472 -12.97 -4.00 -10.11
CA GLU A 472 -12.09 -3.50 -11.17
C GLU A 472 -10.67 -4.02 -10.97
N ILE A 473 -9.99 -4.19 -12.10
CA ILE A 473 -8.55 -4.44 -12.13
C ILE A 473 -7.90 -3.32 -12.91
N CYS A 474 -6.78 -2.80 -12.40
CA CYS A 474 -6.22 -1.57 -12.94
C CYS A 474 -4.72 -1.70 -13.09
N PHE A 475 -4.23 -1.35 -14.29
CA PHE A 475 -2.81 -1.53 -14.66
C PHE A 475 -2.27 -0.21 -15.21
N PRO A 476 -1.66 0.62 -14.35
CA PRO A 476 -1.08 1.89 -14.81
C PRO A 476 -0.03 1.71 -15.90
N ALA A 477 0.14 2.77 -16.71
CA ALA A 477 1.12 2.75 -17.79
C ALA A 477 2.50 2.35 -17.30
N ALA A 478 2.88 2.79 -16.08
CA ALA A 478 4.24 2.59 -15.60
C ALA A 478 4.58 1.12 -15.32
N ILE A 479 3.58 0.28 -15.03
CA ILE A 479 3.94 -1.13 -14.82
C ILE A 479 4.08 -1.89 -16.15
N LEU A 480 3.69 -1.27 -17.27
CA LEU A 480 3.79 -1.93 -18.57
C LEU A 480 5.15 -1.67 -19.20
N GLN A 481 6.19 -2.04 -18.47
CA GLN A 481 7.57 -1.86 -18.87
C GLN A 481 8.36 -3.10 -18.46
N PRO A 482 9.51 -3.35 -19.08
CA PRO A 482 10.33 -4.47 -18.66
C PRO A 482 10.79 -4.28 -17.22
N PRO A 483 10.96 -5.37 -16.47
CA PRO A 483 10.84 -6.78 -16.85
C PRO A 483 9.41 -7.34 -16.78
N PHE A 484 8.40 -6.50 -16.54
CA PHE A 484 7.03 -7.01 -16.48
C PHE A 484 6.47 -7.23 -17.88
N PHE A 485 6.45 -6.18 -18.69
CA PHE A 485 5.89 -6.24 -20.04
C PHE A 485 6.95 -5.72 -20.99
N ASN A 486 7.33 -6.54 -21.97
CA ASN A 486 8.41 -6.25 -22.90
C ASN A 486 7.90 -6.60 -24.29
N MET A 487 7.67 -5.59 -25.12
CA MET A 487 7.06 -5.89 -26.40
C MET A 487 8.00 -6.60 -27.37
N ASP A 488 9.29 -6.71 -27.06
CA ASP A 488 10.21 -7.50 -27.86
C ASP A 488 10.45 -8.90 -27.30
N ALA A 489 9.87 -9.23 -26.14
CA ALA A 489 10.15 -10.52 -25.51
C ALA A 489 9.24 -11.62 -26.05
N ASP A 490 9.68 -12.87 -25.90
CA ASP A 490 8.83 -14.01 -26.23
C ASP A 490 7.66 -14.12 -25.24
N ASP A 491 6.57 -14.72 -25.72
CA ASP A 491 5.32 -14.76 -24.94
C ASP A 491 5.51 -15.39 -23.56
N ALA A 492 6.33 -16.44 -23.45
CA ALA A 492 6.51 -17.12 -22.17
C ALA A 492 6.97 -16.16 -21.08
N VAL A 493 7.87 -15.23 -21.42
CA VAL A 493 8.43 -14.32 -20.42
C VAL A 493 7.40 -13.27 -20.03
N ASN A 494 6.65 -12.73 -21.01
CA ASN A 494 5.61 -11.76 -20.69
C ASN A 494 4.51 -12.38 -19.85
N TYR A 495 4.14 -13.64 -20.12
CA TYR A 495 3.15 -14.30 -19.26
C TYR A 495 3.69 -14.51 -17.85
N GLY A 496 4.97 -14.88 -17.73
CA GLY A 496 5.57 -15.03 -16.42
C GLY A 496 5.68 -13.73 -15.65
N GLY A 497 5.75 -12.60 -16.34
CA GLY A 497 5.84 -11.30 -15.70
C GLY A 497 4.49 -10.63 -15.56
N ILE A 498 4.13 -9.77 -16.53
CA ILE A 498 2.88 -9.03 -16.43
C ILE A 498 1.67 -9.97 -16.42
N GLY A 499 1.79 -11.13 -17.08
CA GLY A 499 0.70 -12.10 -17.02
C GLY A 499 0.36 -12.53 -15.60
N VAL A 500 1.39 -12.82 -14.80
CA VAL A 500 1.16 -13.17 -13.39
C VAL A 500 0.62 -11.97 -12.62
N VAL A 501 1.09 -10.76 -12.93
CA VAL A 501 0.55 -9.57 -12.27
C VAL A 501 -0.95 -9.45 -12.55
N ILE A 502 -1.37 -9.67 -13.80
CA ILE A 502 -2.79 -9.64 -14.16
C ILE A 502 -3.56 -10.68 -13.35
N GLY A 503 -3.09 -11.93 -13.35
CA GLY A 503 -3.79 -12.97 -12.63
C GLY A 503 -3.83 -12.72 -11.14
N HIS A 504 -2.78 -12.12 -10.60
CA HIS A 504 -2.73 -11.75 -9.20
C HIS A 504 -3.85 -10.77 -8.84
N GLU A 505 -4.03 -9.73 -9.67
CA GLU A 505 -5.12 -8.79 -9.42
C GLU A 505 -6.48 -9.47 -9.57
N MET A 506 -6.64 -10.34 -10.57
CA MET A 506 -7.91 -11.05 -10.73
C MET A 506 -8.19 -11.94 -9.53
N THR A 507 -7.17 -12.64 -9.02
CA THR A 507 -7.37 -13.53 -7.88
C THR A 507 -7.73 -12.77 -6.61
N HIS A 508 -7.38 -11.48 -6.52
CA HIS A 508 -7.82 -10.68 -5.38
C HIS A 508 -9.34 -10.61 -5.30
N GLY A 509 -10.04 -10.72 -6.43
CA GLY A 509 -11.49 -10.81 -6.37
C GLY A 509 -12.01 -12.08 -5.75
N PHE A 510 -11.11 -13.04 -5.49
CA PHE A 510 -11.49 -14.35 -4.99
C PHE A 510 -10.64 -14.76 -3.79
N ASP A 511 -9.96 -13.82 -3.13
CA ASP A 511 -9.13 -14.18 -1.98
C ASP A 511 -9.98 -14.12 -0.71
N ASP A 512 -9.34 -14.18 0.46
CA ASP A 512 -10.12 -14.29 1.69
C ASP A 512 -10.91 -13.03 2.00
N GLN A 513 -10.59 -11.90 1.36
CA GLN A 513 -11.41 -10.70 1.42
C GLN A 513 -12.31 -10.54 0.19
N GLY A 514 -11.74 -10.64 -1.00
CA GLY A 514 -12.49 -10.35 -2.21
C GLY A 514 -13.63 -11.31 -2.48
N ARG A 515 -13.50 -12.56 -2.04
CA ARG A 515 -14.56 -13.54 -2.28
C ARG A 515 -15.87 -13.14 -1.62
N ASN A 516 -15.83 -12.20 -0.67
CA ASN A 516 -17.02 -11.74 0.02
C ASN A 516 -17.85 -10.74 -0.77
N PHE A 517 -17.35 -10.27 -1.92
CA PHE A 517 -18.02 -9.24 -2.73
C PHE A 517 -18.51 -9.85 -4.04
N ASP A 518 -19.67 -9.38 -4.52
CA ASP A 518 -20.28 -9.95 -5.71
C ASP A 518 -19.88 -9.13 -6.94
N LYS A 519 -20.51 -9.44 -8.09
CA LYS A 519 -20.14 -8.80 -9.34
C LYS A 519 -20.40 -7.31 -9.36
N ASP A 520 -21.32 -6.83 -8.52
CA ASP A 520 -21.66 -5.40 -8.44
C ASP A 520 -20.82 -4.65 -7.42
N GLY A 521 -19.91 -5.33 -6.71
CA GLY A 521 -19.15 -4.71 -5.65
C GLY A 521 -19.80 -4.70 -4.29
N ASN A 522 -20.89 -5.45 -4.10
CA ASN A 522 -21.61 -5.47 -2.84
C ASN A 522 -21.17 -6.65 -2.00
N MET A 523 -21.11 -6.44 -0.68
CA MET A 523 -20.68 -7.46 0.27
C MET A 523 -21.87 -8.39 0.50
N ILE A 524 -22.06 -9.33 -0.42
CA ILE A 524 -23.18 -10.27 -0.40
C ILE A 524 -22.62 -11.68 -0.57
N ASN A 525 -23.11 -12.61 0.23
CA ASN A 525 -22.61 -13.99 0.20
C ASN A 525 -23.10 -14.72 -1.04
N TRP A 526 -22.18 -15.23 -1.86
CA TRP A 526 -22.55 -16.03 -3.02
C TRP A 526 -22.02 -17.46 -2.95
N TRP A 527 -21.60 -17.90 -1.76
CA TRP A 527 -21.02 -19.21 -1.53
C TRP A 527 -22.00 -20.12 -0.80
N THR A 528 -22.03 -21.40 -1.17
CA THR A 528 -22.66 -22.38 -0.30
C THR A 528 -21.82 -22.54 0.97
N ALA A 529 -22.48 -23.00 2.03
CA ALA A 529 -21.76 -23.23 3.28
C ALA A 529 -20.64 -24.26 3.10
N GLU A 530 -20.92 -25.32 2.33
CA GLU A 530 -19.92 -26.36 2.12
C GLU A 530 -18.69 -25.80 1.40
N ASP A 531 -18.90 -25.05 0.32
CA ASP A 531 -17.77 -24.54 -0.45
C ASP A 531 -17.00 -23.49 0.32
N ALA A 532 -17.69 -22.66 1.11
CA ALA A 532 -17.00 -21.65 1.90
C ALA A 532 -16.12 -22.29 2.96
N GLN A 533 -16.60 -23.39 3.57
CA GLN A 533 -15.81 -24.07 4.59
C GLN A 533 -14.58 -24.72 3.98
N LYS A 534 -14.71 -25.29 2.78
CA LYS A 534 -13.55 -25.85 2.10
C LYS A 534 -12.51 -24.77 1.81
N PHE A 535 -12.97 -23.60 1.33
CA PHE A 535 -12.05 -22.50 1.08
C PHE A 535 -11.32 -22.09 2.36
N GLU A 536 -12.05 -21.94 3.46
CA GLU A 536 -11.43 -21.45 4.69
C GLU A 536 -10.43 -22.46 5.25
N THR A 537 -10.75 -23.75 5.16
CA THR A 537 -9.82 -24.78 5.59
C THR A 537 -8.53 -24.71 4.79
N THR A 538 -8.65 -24.58 3.46
CA THR A 538 -7.45 -24.57 2.62
C THR A 538 -6.67 -23.27 2.80
N ALA A 539 -7.37 -22.14 2.99
CA ALA A 539 -6.69 -20.88 3.20
C ALA A 539 -5.93 -20.88 4.53
N ARG A 540 -6.51 -21.52 5.55
CA ARG A 540 -5.83 -21.66 6.83
C ARG A 540 -4.53 -22.44 6.68
N LYS A 541 -4.51 -23.44 5.79
CA LYS A 541 -3.32 -24.25 5.60
C LYS A 541 -2.23 -23.45 4.88
N LEU A 542 -2.62 -22.56 3.97
CA LEU A 542 -1.64 -21.70 3.31
C LEU A 542 -1.06 -20.69 4.29
N ALA A 543 -1.88 -20.19 5.21
CA ALA A 543 -1.39 -19.28 6.24
C ALA A 543 -0.35 -19.96 7.12
N ASP A 544 -0.69 -21.16 7.63
CA ASP A 544 0.23 -21.88 8.50
C ASP A 544 1.52 -22.24 7.77
N GLN A 545 1.42 -22.56 6.48
CA GLN A 545 2.59 -22.95 5.71
C GLN A 545 3.64 -21.84 5.71
N PHE A 546 3.21 -20.62 5.39
CA PHE A 546 4.14 -19.49 5.38
C PHE A 546 4.60 -19.13 6.78
N SER A 547 3.73 -19.29 7.78
CA SER A 547 4.07 -18.93 9.16
C SER A 547 5.17 -19.81 9.74
N GLU A 548 5.52 -20.93 9.11
CA GLU A 548 6.60 -21.77 9.61
C GLU A 548 7.95 -21.43 8.99
N ILE A 549 7.98 -20.56 7.99
CA ILE A 549 9.21 -20.15 7.32
C ILE A 549 9.84 -19.00 8.12
N TYR A 550 11.15 -19.07 8.31
CA TYR A 550 11.88 -17.99 8.97
C TYR A 550 12.36 -16.98 7.94
N VAL A 551 12.20 -15.70 8.26
CA VAL A 551 12.72 -14.61 7.43
C VAL A 551 14.03 -14.06 7.98
N ALA A 552 14.31 -14.30 9.25
CA ALA A 552 15.54 -13.91 9.91
C ALA A 552 15.66 -14.82 11.12
N ASP A 553 16.80 -14.72 11.82
CA ASP A 553 17.06 -15.56 12.98
C ASP A 553 16.00 -15.36 14.07
N GLY A 554 15.21 -16.40 14.31
CA GLY A 554 14.17 -16.32 15.32
C GLY A 554 12.96 -15.51 14.95
N VAL A 555 12.82 -15.12 13.67
CA VAL A 555 11.69 -14.32 13.22
C VAL A 555 11.00 -15.08 12.09
N ARG A 556 9.76 -15.50 12.32
CA ARG A 556 9.00 -16.21 11.32
C ARG A 556 8.25 -15.23 10.42
N ALA A 557 7.97 -15.68 9.19
CA ALA A 557 7.07 -14.93 8.33
C ALA A 557 5.69 -14.88 8.98
N ASN A 558 4.91 -13.87 8.61
CA ASN A 558 3.53 -13.73 9.10
C ASN A 558 2.60 -14.24 8.00
N GLY A 559 2.27 -15.54 8.07
CA GLY A 559 1.42 -16.14 7.07
C GLY A 559 -0.03 -15.72 7.16
N ASN A 560 -0.46 -15.21 8.32
CA ASN A 560 -1.82 -14.69 8.43
C ASN A 560 -1.94 -13.31 7.78
N MET A 561 -0.98 -12.43 8.05
CA MET A 561 -1.04 -11.07 7.52
C MET A 561 -0.87 -11.07 6.00
N THR A 562 -0.05 -11.99 5.47
CA THR A 562 0.24 -12.05 4.05
C THR A 562 -0.70 -13.01 3.30
N LEU A 563 -1.75 -13.52 3.96
CA LEU A 563 -2.56 -14.58 3.37
C LEU A 563 -3.18 -14.15 2.04
N GLY A 564 -3.76 -12.94 2.00
CA GLY A 564 -4.41 -12.50 0.78
C GLY A 564 -3.43 -12.38 -0.38
N GLU A 565 -2.23 -11.88 -0.10
CA GLU A 565 -1.24 -11.71 -1.16
C GLU A 565 -0.68 -13.05 -1.62
N ASN A 566 -0.52 -14.00 -0.71
CA ASN A 566 -0.01 -15.31 -1.11
C ASN A 566 -1.06 -16.09 -1.89
N ILE A 567 -2.34 -15.93 -1.54
CA ILE A 567 -3.39 -16.50 -2.39
C ILE A 567 -3.32 -15.88 -3.78
N ALA A 568 -3.18 -14.55 -3.85
CA ALA A 568 -3.18 -13.86 -5.14
C ALA A 568 -1.97 -14.24 -5.99
N ASP A 569 -0.80 -14.38 -5.37
CA ASP A 569 0.40 -14.85 -6.08
C ASP A 569 0.17 -16.24 -6.67
N GLN A 570 -0.31 -17.17 -5.84
CA GLN A 570 -0.55 -18.53 -6.30
C GLN A 570 -1.54 -18.56 -7.45
N GLY A 571 -2.65 -17.83 -7.31
CA GLY A 571 -3.64 -17.79 -8.37
C GLY A 571 -3.08 -17.19 -9.65
N GLY A 572 -2.29 -16.12 -9.53
CA GLY A 572 -1.72 -15.51 -10.73
C GLY A 572 -0.77 -16.43 -11.46
N LEU A 573 0.01 -17.22 -10.71
CA LEU A 573 0.89 -18.20 -11.33
C LEU A 573 0.10 -19.27 -12.06
N LEU A 574 -0.93 -19.82 -11.42
CA LEU A 574 -1.73 -20.88 -12.03
C LEU A 574 -2.50 -20.37 -13.25
N ILE A 575 -3.12 -19.19 -13.15
CA ILE A 575 -3.93 -18.68 -14.24
C ILE A 575 -3.06 -18.25 -15.42
N SER A 576 -1.95 -17.57 -15.15
CA SER A 576 -1.12 -17.10 -16.26
C SER A 576 -0.45 -18.27 -16.97
N TYR A 577 -0.05 -19.30 -16.21
CA TYR A 577 0.52 -20.48 -16.84
C TYR A 577 -0.49 -21.12 -17.80
N LEU A 578 -1.75 -21.25 -17.37
CA LEU A 578 -2.78 -21.81 -18.24
C LEU A 578 -3.00 -20.92 -19.47
N ALA A 579 -3.09 -19.61 -19.26
CA ALA A 579 -3.18 -18.68 -20.40
C ALA A 579 -1.99 -18.86 -21.34
N PHE A 580 -0.79 -19.01 -20.79
CA PHE A 580 0.40 -19.19 -21.61
C PHE A 580 0.33 -20.50 -22.40
N ARG A 581 -0.08 -21.60 -21.76
CA ARG A 581 -0.22 -22.85 -22.49
C ARG A 581 -1.31 -22.76 -23.56
N ASN A 582 -2.42 -22.07 -23.25
CA ASN A 582 -3.47 -21.89 -24.25
C ASN A 582 -2.93 -21.16 -25.48
N ALA A 583 -2.14 -20.10 -25.27
CA ALA A 583 -1.56 -19.38 -26.39
C ALA A 583 -0.54 -20.21 -27.15
N ALA A 584 0.05 -21.21 -26.51
CA ALA A 584 1.08 -22.05 -27.12
C ALA A 584 0.53 -23.22 -27.91
N LYS A 585 -0.76 -23.53 -27.76
CA LYS A 585 -1.37 -24.67 -28.46
C LYS A 585 -1.13 -24.58 -29.96
N GLY A 586 -0.69 -25.69 -30.55
CA GLY A 586 -0.48 -25.73 -31.98
C GLY A 586 0.76 -25.03 -32.46
N GLU A 587 1.73 -24.80 -31.58
CA GLU A 587 3.01 -24.21 -31.96
C GLU A 587 4.13 -25.18 -31.63
N VAL A 588 5.14 -25.24 -32.48
CA VAL A 588 6.32 -26.03 -32.16
C VAL A 588 7.08 -25.32 -31.05
N MET A 589 7.33 -26.03 -29.95
CA MET A 589 8.13 -25.49 -28.86
C MET A 589 9.54 -25.21 -29.35
N GLU A 590 10.01 -23.99 -29.11
CA GLU A 590 11.37 -23.60 -29.46
C GLU A 590 12.12 -23.16 -28.20
N GLU A 591 13.30 -23.72 -27.99
CA GLU A 591 14.12 -23.29 -26.88
C GLU A 591 14.77 -21.95 -27.18
N ILE A 592 14.86 -21.09 -26.17
CA ILE A 592 15.58 -19.83 -26.26
C ILE A 592 16.53 -19.77 -25.09
N ASP A 593 17.80 -19.42 -25.36
CA ASP A 593 18.87 -19.46 -24.36
C ASP A 593 18.98 -20.85 -23.70
N GLY A 594 18.66 -21.90 -24.45
CA GLY A 594 18.66 -23.26 -23.93
C GLY A 594 17.51 -23.60 -22.99
N PHE A 595 16.59 -22.67 -22.75
CA PHE A 595 15.45 -22.88 -21.85
C PHE A 595 14.20 -23.26 -22.64
N THR A 596 13.45 -24.22 -22.12
CA THR A 596 12.14 -24.51 -22.67
C THR A 596 11.21 -23.32 -22.37
N PRO A 597 10.18 -23.11 -23.19
CA PRO A 597 9.18 -22.07 -22.87
C PRO A 597 8.61 -22.19 -21.45
N ASP A 598 8.30 -23.40 -21.00
CA ASP A 598 7.82 -23.57 -19.63
C ASP A 598 8.83 -23.04 -18.63
N GLN A 599 10.11 -23.33 -18.83
CA GLN A 599 11.14 -22.81 -17.92
C GLN A 599 11.24 -21.29 -17.99
N ARG A 600 11.10 -20.72 -19.20
CA ARG A 600 11.21 -19.27 -19.33
C ARG A 600 10.04 -18.56 -18.64
N PHE A 601 8.87 -19.21 -18.58
CA PHE A 601 7.76 -18.64 -17.82
C PHE A 601 8.17 -18.42 -16.37
N PHE A 602 8.79 -19.43 -15.75
CA PHE A 602 9.12 -19.34 -14.34
C PHE A 602 10.34 -18.47 -14.09
N ILE A 603 11.32 -18.46 -14.99
CA ILE A 603 12.46 -17.56 -14.83
C ILE A 603 12.01 -16.10 -14.92
N GLY A 604 11.10 -15.80 -15.85
CA GLY A 604 10.62 -14.43 -15.97
C GLY A 604 9.84 -13.99 -14.74
N TYR A 605 9.09 -14.90 -14.14
CA TYR A 605 8.44 -14.58 -12.86
C TYR A 605 9.48 -14.29 -11.78
N ALA A 606 10.46 -15.18 -11.62
CA ALA A 606 11.43 -15.03 -10.53
C ALA A 606 12.31 -13.79 -10.71
N ARG A 607 12.54 -13.38 -11.95
CA ARG A 607 13.35 -12.18 -12.18
C ARG A 607 12.66 -10.92 -11.69
N LEU A 608 11.35 -10.94 -11.50
CA LEU A 608 10.66 -9.76 -10.97
C LEU A 608 11.07 -9.45 -9.54
N TRP A 609 11.60 -10.43 -8.81
CA TRP A 609 11.66 -10.35 -7.35
C TRP A 609 13.08 -10.27 -6.81
N GLY A 610 14.11 -10.39 -7.65
CA GLY A 610 15.48 -10.30 -7.19
C GLY A 610 15.76 -9.01 -6.47
N GLN A 611 16.35 -9.07 -5.27
CA GLN A 611 16.60 -7.87 -4.49
C GLN A 611 17.60 -8.18 -3.37
N ASN A 612 18.31 -7.15 -2.94
CA ASN A 612 19.00 -7.15 -1.66
C ASN A 612 18.21 -6.29 -0.69
N ILE A 613 18.32 -6.61 0.61
CA ILE A 613 17.50 -5.94 1.62
C ILE A 613 18.26 -5.94 2.94
N ARG A 614 18.24 -4.79 3.63
CA ARG A 614 18.90 -4.70 4.91
C ARG A 614 18.14 -5.50 5.97
N PRO A 615 18.85 -6.07 6.96
CA PRO A 615 18.17 -6.86 7.98
C PRO A 615 17.13 -6.07 8.78
N GLU A 616 17.40 -4.78 9.02
CA GLU A 616 16.39 -3.92 9.64
C GLU A 616 15.11 -3.90 8.81
N GLU A 617 15.26 -3.81 7.49
CA GLU A 617 14.11 -3.68 6.60
C GLU A 617 13.36 -5.01 6.47
N VAL A 618 14.06 -6.13 6.56
CA VAL A 618 13.37 -7.42 6.64
C VAL A 618 12.40 -7.41 7.83
N LEU A 619 12.88 -6.94 8.98
CA LEU A 619 12.02 -6.90 10.16
C LEU A 619 10.86 -5.93 9.97
N ARG A 620 11.13 -4.74 9.44
CA ARG A 620 10.08 -3.73 9.29
C ARG A 620 8.99 -4.21 8.35
N LEU A 621 9.37 -4.75 7.18
CA LEU A 621 8.37 -5.21 6.22
C LEU A 621 7.57 -6.38 6.76
N THR A 622 8.20 -7.27 7.53
CA THR A 622 7.45 -8.33 8.18
C THR A 622 6.36 -7.78 9.11
N GLN A 623 6.61 -6.62 9.72
N GLN A 623 6.59 -6.61 9.72
CA GLN A 623 5.63 -6.01 10.61
CA GLN A 623 5.58 -6.07 10.60
C GLN A 623 4.54 -5.24 9.88
C GLN A 623 4.53 -5.23 9.89
N ILE A 624 4.85 -4.61 8.76
CA ILE A 624 3.93 -3.65 8.16
C ILE A 624 3.45 -4.02 6.75
N ASP A 625 4.08 -4.95 6.05
CA ASP A 625 3.75 -5.23 4.65
C ASP A 625 2.90 -6.49 4.53
N VAL A 626 1.74 -6.38 3.87
CA VAL A 626 0.93 -7.56 3.61
C VAL A 626 1.51 -8.43 2.50
N HIS A 627 2.51 -7.93 1.77
CA HIS A 627 3.20 -8.75 0.78
C HIS A 627 4.34 -9.51 1.42
N SER A 628 4.49 -10.79 1.06
CA SER A 628 5.65 -11.56 1.49
C SER A 628 6.92 -10.98 0.87
N LEU A 629 8.06 -11.28 1.50
CA LEU A 629 9.33 -10.84 0.94
C LEU A 629 9.57 -11.49 -0.43
N GLY A 630 10.28 -10.76 -1.31
CA GLY A 630 10.51 -11.26 -2.65
C GLY A 630 11.08 -12.66 -2.69
N GLU A 631 12.03 -12.95 -1.79
CA GLU A 631 12.60 -14.29 -1.73
C GLU A 631 11.53 -15.35 -1.50
N LEU A 632 10.57 -15.08 -0.62
CA LEU A 632 9.52 -16.07 -0.36
C LEU A 632 8.47 -16.09 -1.45
N ARG A 633 8.22 -14.97 -2.14
CA ARG A 633 7.28 -15.02 -3.25
C ARG A 633 7.82 -15.87 -4.39
N VAL A 634 9.10 -16.22 -4.37
CA VAL A 634 9.67 -17.15 -5.35
C VAL A 634 9.87 -18.51 -4.70
N ASN A 635 10.70 -18.58 -3.66
CA ASN A 635 11.13 -19.88 -3.15
C ASN A 635 10.06 -20.60 -2.32
N GLN A 636 9.06 -19.90 -1.80
CA GLN A 636 7.97 -20.61 -1.13
C GLN A 636 6.73 -20.73 -2.01
N ALA A 637 6.36 -19.67 -2.72
CA ALA A 637 5.13 -19.71 -3.51
C ALA A 637 5.18 -20.80 -4.56
N LEU A 638 6.34 -21.01 -5.20
CA LEU A 638 6.45 -22.01 -6.25
C LEU A 638 6.39 -23.44 -5.74
N ARG A 639 6.55 -23.64 -4.43
CA ARG A 639 6.50 -25.00 -3.89
C ARG A 639 5.11 -25.62 -3.96
N ASN A 640 4.07 -24.82 -4.24
CA ASN A 640 2.71 -25.30 -4.41
C ASN A 640 2.27 -25.39 -5.88
N ILE A 641 3.18 -25.18 -6.82
CA ILE A 641 2.85 -25.07 -8.24
C ILE A 641 3.35 -26.32 -8.94
N GLU A 642 2.44 -27.24 -9.28
CA GLU A 642 2.81 -28.49 -9.94
C GLU A 642 3.59 -28.23 -11.23
N ALA A 643 3.19 -27.21 -11.99
CA ALA A 643 3.86 -26.95 -13.27
C ALA A 643 5.34 -26.61 -13.08
N PHE A 644 5.70 -26.02 -11.93
CA PHE A 644 7.10 -25.67 -11.69
C PHE A 644 7.94 -26.92 -11.43
N TYR A 645 7.39 -27.88 -10.67
CA TYR A 645 8.04 -29.17 -10.50
C TYR A 645 8.28 -29.85 -11.84
N GLU A 646 7.29 -29.77 -12.74
CA GLU A 646 7.43 -30.42 -14.05
C GLU A 646 8.47 -29.72 -14.92
N ALA A 647 8.54 -28.39 -14.84
CA ALA A 647 9.43 -27.63 -15.72
C ALA A 647 10.90 -27.88 -15.40
N PHE A 648 11.22 -28.16 -14.13
CA PHE A 648 12.59 -28.39 -13.71
C PHE A 648 12.80 -29.77 -13.11
N ASN A 649 11.85 -30.69 -13.31
CA ASN A 649 11.92 -32.07 -12.84
C ASN A 649 12.43 -32.15 -11.41
N ILE A 650 11.72 -31.46 -10.52
CA ILE A 650 12.15 -31.37 -9.12
C ILE A 650 11.86 -32.69 -8.42
N GLN A 651 12.86 -33.20 -7.72
CA GLN A 651 12.85 -34.49 -7.05
C GLN A 651 12.88 -34.32 -5.54
N PRO A 652 12.58 -35.37 -4.78
CA PRO A 652 12.45 -35.21 -3.32
C PRO A 652 13.72 -34.77 -2.60
N THR A 653 14.91 -35.07 -3.14
CA THR A 653 16.13 -34.62 -2.48
C THR A 653 16.50 -33.19 -2.85
N ASP A 654 15.76 -32.54 -3.75
CA ASP A 654 16.04 -31.16 -4.09
C ASP A 654 15.47 -30.23 -3.03
N LYS A 655 16.16 -29.10 -2.80
CA LYS A 655 15.81 -28.23 -1.68
C LYS A 655 14.48 -27.51 -1.89
N MET A 656 14.08 -27.26 -3.15
CA MET A 656 12.78 -26.63 -3.39
C MET A 656 11.62 -27.58 -3.13
N TYR A 657 11.87 -28.87 -3.08
CA TYR A 657 10.80 -29.86 -3.00
C TYR A 657 10.01 -29.75 -1.70
N LEU A 658 8.68 -29.83 -1.82
CA LEU A 658 7.76 -29.95 -0.70
C LEU A 658 6.94 -31.21 -0.89
N GLU A 659 6.84 -32.02 0.15
CA GLU A 659 6.09 -33.27 0.08
C GLU A 659 4.68 -33.00 -0.45
N PRO A 660 4.16 -33.85 -1.35
CA PRO A 660 2.85 -33.58 -1.95
C PRO A 660 1.72 -33.36 -0.96
N GLU A 661 1.69 -34.13 0.13
CA GLU A 661 0.62 -33.98 1.11
C GLU A 661 0.68 -32.63 1.82
N LYS A 662 1.82 -31.93 1.76
CA LYS A 662 1.96 -30.66 2.43
C LYS A 662 1.77 -29.47 1.50
N ARG A 663 1.63 -29.69 0.21
CA ARG A 663 1.33 -28.60 -0.70
C ARG A 663 -0.11 -28.15 -0.51
N VAL A 664 -0.34 -26.85 -0.74
CA VAL A 664 -1.63 -26.21 -0.52
C VAL A 664 -1.97 -25.44 -1.79
N VAL A 665 -3.09 -25.78 -2.41
CA VAL A 665 -3.54 -25.15 -3.65
C VAL A 665 -4.96 -24.64 -3.41
N VAL A 666 -5.13 -23.32 -3.31
CA VAL A 666 -6.42 -22.75 -2.98
C VAL A 666 -7.33 -22.71 -4.20
N TRP A 667 -6.80 -22.27 -5.34
CA TRP A 667 -7.60 -22.12 -6.55
C TRP A 667 -7.04 -22.97 -7.69
#